data_2A0U
#
_entry.id   2A0U
#
_cell.length_a   103.733
_cell.length_b   164.569
_cell.length_c   172.129
_cell.angle_alpha   90.00
_cell.angle_beta   90.00
_cell.angle_gamma   90.00
#
_symmetry.space_group_name_H-M   'F 2 2 2'
#
loop_
_entity.id
_entity.type
_entity.pdbx_description
1 polymer 'initiation factor 2B'
2 non-polymer 'SULFATE ION'
3 water water
#
_entity_poly.entity_id   1
_entity_poly.type   'polypeptide(L)'
_entity_poly.pdbx_seq_one_letter_code
;(MSE)AHHHHHH(MSE)(MSE)SKPHHATLESIKYTPGSLRLLDQRKLPLETVFDDVLTVEDIWSAIKE(MSE)RVRGAP
AIAVSAALGIAVATQRKAANGELKSGREVQTFLLTSCDFV(MSE)TSRPTAVNLFNCLRDLKAQVDKLDPTKAAAEVAQA
FVELAEAVYTNDVAFNEGI(MSE)RHGAAHILAAAKAEGRDKVSILTICNTGALATSRYGTALGVVRQLFYDGKLERVYA
CETRPWNQGARLTVYECVQEDIPCTLICDGAASSL(MSE)LNRKIDAVVVGADRICQNGDTANKIGTYNLAVSAKFHGVK
LYVAAPTTTLDVKTASGNHVEIEEREPTEITTNLVTKQRVVADGPHLSIWNPVFDITPSELITGGIITEKGVQAPAASAP
YYDIASIIAQA
;
_entity_poly.pdbx_strand_id   A,B
#
# COMPACT_ATOMS: atom_id res chain seq x y z
N SER A 11 -38.14 6.49 -1.55
CA SER A 11 -37.78 5.60 -2.65
C SER A 11 -36.53 4.78 -2.36
N LYS A 12 -36.58 3.51 -2.72
CA LYS A 12 -35.41 2.64 -2.69
C LYS A 12 -34.51 2.96 -3.88
N PRO A 13 -33.17 2.80 -3.73
CA PRO A 13 -32.31 2.97 -4.89
C PRO A 13 -32.39 1.78 -5.84
N HIS A 14 -32.45 2.05 -7.13
CA HIS A 14 -32.24 1.02 -8.14
C HIS A 14 -30.75 0.71 -8.12
N HIS A 15 -30.41 -0.58 -8.14
CA HIS A 15 -29.11 -1.10 -7.71
C HIS A 15 -29.09 -1.20 -6.18
N ALA A 16 -28.39 -2.21 -5.68
CA ALA A 16 -28.55 -2.67 -4.30
C ALA A 16 -28.27 -1.65 -3.19
N THR A 17 -29.30 -1.38 -2.38
CA THR A 17 -29.11 -1.01 -0.98
C THR A 17 -28.28 -2.19 -0.47
N LEU A 18 -27.15 -2.02 0.23
CA LEU A 18 -26.68 -0.97 1.12
C LEU A 18 -26.45 0.46 0.71
N GLU A 19 -27.23 1.29 1.36
CA GLU A 19 -26.98 2.72 1.48
C GLU A 19 -26.48 2.98 2.90
N SER A 20 -25.47 3.82 3.01
CA SER A 20 -24.85 4.14 4.29
C SER A 20 -25.69 5.10 5.13
N ILE A 21 -26.60 5.81 4.47
CA ILE A 21 -27.47 6.78 5.13
C ILE A 21 -28.94 6.37 4.99
N LYS A 22 -29.57 6.07 6.12
CA LYS A 22 -30.97 5.67 6.15
C LYS A 22 -31.81 6.75 6.81
N TYR A 23 -32.50 7.53 5.98
CA TYR A 23 -33.29 8.67 6.47
C TYR A 23 -34.78 8.53 6.18
N THR A 24 -35.57 8.83 7.21
CA THR A 24 -37.02 8.99 7.09
C THR A 24 -37.43 10.10 8.06
N PRO A 25 -38.38 10.96 7.67
CA PRO A 25 -38.80 12.09 8.52
C PRO A 25 -38.82 11.74 10.01
N GLY A 26 -37.91 12.35 10.77
CA GLY A 26 -37.84 12.16 12.21
C GLY A 26 -36.83 11.12 12.68
N SER A 27 -36.11 10.51 11.74
CA SER A 27 -35.16 9.45 12.06
C SER A 27 -33.99 9.37 11.10
N LEU A 28 -32.78 9.33 11.66
CA LEU A 28 -31.57 9.09 10.89
C LEU A 28 -30.79 7.90 11.46
N ARG A 29 -30.48 6.94 10.59
CA ARG A 29 -29.68 5.78 10.94
C ARG A 29 -28.46 5.71 10.04
N LEU A 30 -27.29 5.48 10.64
CA LEU A 30 -26.05 5.40 9.88
C LEU A 30 -25.42 4.02 9.98
N LEU A 31 -25.08 3.47 8.81
CA LEU A 31 -24.35 2.21 8.73
C LEU A 31 -22.94 2.40 9.26
N ASP A 32 -22.51 1.52 10.16
CA ASP A 32 -21.15 1.55 10.69
C ASP A 32 -20.21 0.98 9.63
N GLN A 33 -19.59 1.86 8.86
CA GLN A 33 -18.74 1.47 7.74
C GLN A 33 -17.40 0.87 8.19
N ARG A 34 -17.13 0.92 9.49
CA ARG A 34 -15.94 0.29 10.07
C ARG A 34 -16.09 -1.23 10.15
N LYS A 35 -17.33 -1.70 10.21
CA LYS A 35 -17.61 -3.12 10.49
C LYS A 35 -17.87 -3.97 9.24
N LEU A 36 -18.10 -3.30 8.10
CA LEU A 36 -18.22 -3.96 6.81
C LEU A 36 -16.89 -4.57 6.38
N PRO A 37 -16.91 -5.69 5.62
CA PRO A 37 -18.08 -6.40 5.10
C PRO A 37 -18.63 -7.51 5.99
N LEU A 38 -17.96 -7.78 7.11
CA LEU A 38 -18.36 -8.88 8.00
C LEU A 38 -19.68 -8.62 8.75
N GLU A 39 -19.89 -7.37 9.14
CA GLU A 39 -21.06 -6.99 9.92
C GLU A 39 -21.84 -5.83 9.30
N THR A 40 -23.16 -5.94 9.35
CA THR A 40 -24.06 -4.87 8.90
C THR A 40 -24.79 -4.31 10.12
N VAL A 41 -24.31 -3.15 10.60
CA VAL A 41 -24.85 -2.54 11.81
C VAL A 41 -25.27 -1.09 11.54
N PHE A 42 -26.50 -0.75 11.96
CA PHE A 42 -27.01 0.61 11.87
C PHE A 42 -27.16 1.23 13.25
N ASP A 43 -26.70 2.46 13.40
CA ASP A 43 -26.81 3.19 14.67
C ASP A 43 -27.71 4.41 14.54
N ASP A 44 -28.56 4.62 15.53
CA ASP A 44 -29.45 5.78 15.57
C ASP A 44 -28.68 7.07 15.84
N VAL A 45 -28.96 8.10 15.05
CA VAL A 45 -28.44 9.43 15.32
C VAL A 45 -29.57 10.27 15.92
N LEU A 46 -29.47 10.54 17.22
CA LEU A 46 -30.51 11.26 17.94
C LEU A 46 -30.09 12.66 18.35
N THR A 47 -28.79 12.86 18.53
CA THR A 47 -28.24 14.15 18.96
C THR A 47 -27.18 14.67 18.00
N VAL A 48 -26.83 15.95 18.16
CA VAL A 48 -25.74 16.60 17.43
C VAL A 48 -24.39 15.97 17.81
N GLU A 49 -24.29 15.49 19.05
CA GLU A 49 -23.11 14.78 19.53
C GLU A 49 -22.91 13.44 18.82
N ASP A 50 -24.02 12.78 18.50
CA ASP A 50 -24.01 11.50 17.78
C ASP A 50 -23.43 11.63 16.38
N ILE A 51 -23.83 12.68 15.65
CA ILE A 51 -23.36 12.89 14.28
C ILE A 51 -21.91 13.35 14.21
N TRP A 52 -21.49 14.16 15.17
CA TRP A 52 -20.10 14.59 15.30
C TRP A 52 -19.18 13.40 15.50
N SER A 53 -19.59 12.51 16.42
CA SER A 53 -18.83 11.30 16.75
C SER A 53 -18.77 10.34 15.57
N ALA A 54 -19.90 10.19 14.87
CA ALA A 54 -19.99 9.31 13.71
C ALA A 54 -19.00 9.69 12.62
N ILE A 55 -18.86 10.99 12.38
CA ILE A 55 -17.91 11.52 11.41
C ILE A 55 -16.47 11.35 11.90
N LYS A 56 -16.22 11.77 13.15
CA LYS A 56 -14.88 11.67 13.77
C LYS A 56 -14.35 10.24 13.82
N GLU A 57 -15.22 9.30 14.22
CA GLU A 57 -14.86 7.89 14.33
C GLU A 57 -14.87 7.17 12.97
N ARG A 59 -17.53 6.20 11.29
CA ARG A 59 -18.66 5.29 11.13
C ARG A 59 -19.37 5.65 9.83
N VAL A 60 -19.52 6.95 9.59
CA VAL A 60 -19.86 7.49 8.29
C VAL A 60 -18.61 8.18 7.72
N ARG A 61 -18.31 7.90 6.45
CA ARG A 61 -17.17 8.51 5.78
C ARG A 61 -17.36 8.63 4.27
N GLY A 62 -16.42 9.28 3.60
CA GLY A 62 -16.61 9.70 2.22
C GLY A 62 -17.12 11.12 2.23
N ALA A 63 -16.43 12.01 1.50
CA ALA A 63 -16.73 13.45 1.53
C ALA A 63 -18.22 13.82 1.43
N PRO A 64 -18.92 13.37 0.36
CA PRO A 64 -20.33 13.72 0.25
C PRO A 64 -21.23 13.13 1.35
N ALA A 65 -20.99 11.87 1.73
CA ALA A 65 -21.76 11.21 2.80
C ALA A 65 -21.60 11.92 4.13
N ILE A 66 -20.40 12.45 4.39
CA ILE A 66 -20.13 13.24 5.59
C ILE A 66 -21.00 14.50 5.65
N ALA A 67 -21.04 15.23 4.54
CA ALA A 67 -21.80 16.49 4.45
C ALA A 67 -23.32 16.28 4.53
N VAL A 68 -23.80 15.25 3.83
CA VAL A 68 -25.22 14.93 3.79
C VAL A 68 -25.74 14.44 5.15
N SER A 69 -25.00 13.53 5.77
CA SER A 69 -25.37 13.01 7.09
C SER A 69 -25.28 14.07 8.18
N ALA A 70 -24.35 15.01 8.03
CA ALA A 70 -24.20 16.12 8.96
C ALA A 70 -25.42 17.02 8.95
N ALA A 71 -25.92 17.34 7.75
CA ALA A 71 -27.11 18.17 7.57
C ALA A 71 -28.35 17.47 8.11
N LEU A 72 -28.49 16.19 7.77
CA LEU A 72 -29.60 15.35 8.24
C LEU A 72 -29.54 15.11 9.75
N GLY A 73 -28.33 14.88 10.26
CA GLY A 73 -28.11 14.67 11.70
C GLY A 73 -28.51 15.86 12.55
N ILE A 74 -28.09 17.06 12.12
CA ILE A 74 -28.47 18.31 12.80
C ILE A 74 -29.98 18.54 12.71
N ALA A 75 -30.55 18.27 11.53
CA ALA A 75 -31.98 18.45 11.30
C ALA A 75 -32.85 17.55 12.18
N VAL A 76 -32.49 16.28 12.28
CA VAL A 76 -33.24 15.31 13.10
C VAL A 76 -33.09 15.65 14.59
N ALA A 77 -31.88 16.04 14.99
CA ALA A 77 -31.59 16.41 16.37
C ALA A 77 -32.29 17.70 16.82
N THR A 78 -32.34 18.69 15.93
CA THR A 78 -33.00 19.98 16.24
C THR A 78 -34.53 19.82 16.25
N GLN A 79 -35.05 19.01 15.32
CA GLN A 79 -36.47 18.66 15.29
C GLN A 79 -36.87 17.91 16.57
N ARG A 80 -35.97 17.06 17.06
CA ARG A 80 -36.16 16.32 18.30
C ARG A 80 -36.24 17.25 19.51
N LYS A 81 -35.27 18.17 19.61
CA LYS A 81 -35.21 19.16 20.69
C LYS A 81 -36.41 20.10 20.69
N ALA A 82 -36.95 20.37 19.51
CA ALA A 82 -38.14 21.21 19.35
C ALA A 82 -39.39 20.51 19.85
N ALA A 83 -39.45 19.19 19.67
CA ALA A 83 -40.60 18.39 20.06
C ALA A 83 -40.68 18.13 21.56
N ASN A 84 -39.55 17.74 22.16
CA ASN A 84 -39.53 17.34 23.58
C ASN A 84 -39.60 18.49 24.58
N GLY A 85 -39.06 19.65 24.20
CA GLY A 85 -39.13 20.85 25.05
C GLY A 85 -37.83 21.61 25.25
N GLU A 86 -36.71 20.99 24.89
CA GLU A 86 -35.39 21.61 25.01
C GLU A 86 -35.27 22.88 24.16
N LEU A 87 -36.05 22.93 23.09
CA LEU A 87 -36.24 24.13 22.27
C LEU A 87 -37.72 24.29 21.97
N LYS A 88 -38.37 25.41 22.32
CA LYS A 88 -37.84 26.53 23.11
C LYS A 88 -38.40 27.83 22.54
N SER A 89 -37.86 28.23 21.40
CA SER A 89 -38.17 29.51 20.74
C SER A 89 -37.61 29.49 19.33
N GLY A 90 -38.20 30.28 18.44
CA GLY A 90 -37.74 30.39 17.06
C GLY A 90 -36.32 30.91 16.95
N ARG A 91 -36.01 31.94 17.74
CA ARG A 91 -34.67 32.55 17.74
C ARG A 91 -33.59 31.57 18.25
N GLU A 92 -33.92 30.81 19.28
CA GLU A 92 -32.94 29.90 19.88
C GLU A 92 -32.80 28.57 19.15
N VAL A 93 -33.79 28.23 18.33
CA VAL A 93 -33.64 27.14 17.36
C VAL A 93 -32.65 27.59 16.29
N GLN A 94 -32.84 28.82 15.80
CA GLN A 94 -31.93 29.45 14.86
C GLN A 94 -30.51 29.54 15.43
N THR A 95 -30.41 29.94 16.70
CA THR A 95 -29.13 30.03 17.41
C THR A 95 -28.47 28.64 17.54
N PHE A 96 -29.28 27.64 17.90
CA PHE A 96 -28.80 26.26 18.05
C PHE A 96 -28.30 25.68 16.72
N LEU A 97 -29.00 25.99 15.64
CA LEU A 97 -28.64 25.52 14.29
C LEU A 97 -27.28 26.05 13.84
N LEU A 98 -27.04 27.34 14.08
CA LEU A 98 -25.77 27.98 13.74
C LEU A 98 -24.63 27.44 14.60
N THR A 99 -24.91 27.23 15.88
CA THR A 99 -23.95 26.68 16.83
C THR A 99 -23.62 25.22 16.53
N SER A 100 -24.63 24.46 16.13
CA SER A 100 -24.47 23.04 15.78
C SER A 100 -23.67 22.89 14.49
N CYS A 101 -23.88 23.80 13.53
CA CYS A 101 -23.13 23.82 12.28
C CYS A 101 -21.63 24.05 12.51
N ASP A 102 -21.31 25.01 13.39
CA ASP A 102 -19.92 25.28 13.74
C ASP A 102 -19.25 24.10 14.45
N PHE A 103 -20.00 23.45 15.33
CA PHE A 103 -19.49 22.30 16.09
C PHE A 103 -19.25 21.07 15.23
N VAL A 104 -20.23 20.71 14.39
CA VAL A 104 -20.09 19.55 13.50
C VAL A 104 -18.93 19.74 12.52
N THR A 106 -16.18 20.92 13.20
CA THR A 106 -14.94 20.67 13.95
C THR A 106 -14.51 19.19 13.88
N SER A 107 -15.34 18.34 13.25
CA SER A 107 -15.08 16.89 13.22
C SER A 107 -13.88 16.48 12.35
N ARG A 108 -13.96 16.72 11.04
CA ARG A 108 -12.88 16.37 10.11
C ARG A 108 -12.61 17.50 9.11
N PRO A 109 -11.34 17.94 9.00
CA PRO A 109 -11.00 19.19 8.32
C PRO A 109 -10.73 19.17 6.80
N THR A 110 -10.24 18.05 6.27
CA THR A 110 -9.72 18.02 4.89
C THR A 110 -10.80 18.12 3.80
N ALA A 111 -11.82 17.28 3.87
CA ALA A 111 -12.91 17.30 2.89
C ALA A 111 -13.77 18.57 3.04
N VAL A 112 -13.93 19.30 1.94
CA VAL A 112 -14.59 20.60 1.95
C VAL A 112 -16.13 20.50 1.92
N ASN A 113 -16.65 19.36 1.45
CA ASN A 113 -18.10 19.15 1.35
C ASN A 113 -18.84 19.50 2.63
N LEU A 114 -18.32 19.04 3.76
CA LEU A 114 -18.86 19.35 5.09
C LEU A 114 -18.95 20.86 5.33
N PHE A 115 -17.91 21.58 4.93
CA PHE A 115 -17.80 23.02 5.15
C PHE A 115 -18.66 23.82 4.18
N ASN A 116 -18.62 23.45 2.90
CA ASN A 116 -19.46 24.07 1.88
C ASN A 116 -20.95 23.93 2.19
N CYS A 117 -21.35 22.74 2.62
CA CYS A 117 -22.75 22.44 2.92
C CYS A 117 -23.27 23.17 4.15
N LEU A 118 -22.53 23.10 5.25
CA LEU A 118 -22.98 23.66 6.52
C LEU A 118 -22.88 25.19 6.57
N ARG A 119 -21.90 25.76 5.87
CA ARG A 119 -21.79 27.21 5.74
C ARG A 119 -22.91 27.80 4.89
N ASP A 120 -23.30 27.05 3.85
CA ASP A 120 -24.43 27.42 3.01
C ASP A 120 -25.75 27.29 3.77
N LEU A 121 -25.82 26.28 4.63
CA LEU A 121 -26.97 26.10 5.50
C LEU A 121 -27.06 27.21 6.55
N LYS A 122 -25.91 27.62 7.09
CA LYS A 122 -25.83 28.72 8.04
C LYS A 122 -26.38 30.03 7.48
N ALA A 123 -26.01 30.33 6.23
CA ALA A 123 -26.47 31.54 5.54
C ALA A 123 -27.99 31.50 5.33
N GLN A 124 -28.51 30.32 5.03
CA GLN A 124 -29.95 30.12 4.86
C GLN A 124 -30.70 30.18 6.19
N VAL A 125 -30.03 29.75 7.27
CA VAL A 125 -30.58 29.82 8.63
C VAL A 125 -30.76 31.28 9.08
N ASP A 126 -29.84 32.15 8.69
CA ASP A 126 -29.94 33.58 8.97
C ASP A 126 -31.13 34.21 8.26
N LYS A 127 -31.49 33.65 7.09
CA LYS A 127 -32.59 34.15 6.28
C LYS A 127 -33.95 33.74 6.85
N LEU A 128 -33.97 32.69 7.66
CA LEU A 128 -35.20 32.20 8.31
C LEU A 128 -35.77 33.20 9.31
N ASP A 129 -37.08 33.09 9.56
CA ASP A 129 -37.80 33.98 10.46
C ASP A 129 -37.78 33.45 11.89
N PRO A 130 -37.08 34.16 12.81
CA PRO A 130 -36.99 33.74 14.21
C PRO A 130 -38.28 33.96 15.01
N THR A 131 -39.26 34.61 14.38
CA THR A 131 -40.57 34.86 15.00
C THR A 131 -41.45 33.60 14.97
N LYS A 132 -41.14 32.68 14.07
CA LYS A 132 -41.89 31.42 13.92
C LYS A 132 -41.76 30.50 15.15
N ALA A 133 -42.69 29.56 15.27
CA ALA A 133 -42.88 28.80 16.51
C ALA A 133 -41.94 27.60 16.71
N ALA A 134 -40.63 27.88 16.72
CA ALA A 134 -39.59 26.87 17.05
C ALA A 134 -39.60 25.59 16.22
N ALA A 135 -40.72 24.86 16.26
CA ALA A 135 -40.90 23.65 15.46
C ALA A 135 -41.03 23.98 13.97
N GLU A 136 -41.59 25.14 13.67
CA GLU A 136 -41.71 25.65 12.30
C GLU A 136 -40.34 25.98 11.71
N VAL A 137 -39.47 26.52 12.56
CA VAL A 137 -38.08 26.82 12.18
C VAL A 137 -37.28 25.52 12.02
N ALA A 138 -37.61 24.53 12.84
CA ALA A 138 -36.96 23.21 12.77
C ALA A 138 -37.33 22.46 11.49
N GLN A 139 -38.61 22.50 11.13
CA GLN A 139 -39.12 21.84 9.92
C GLN A 139 -38.57 22.50 8.65
N ALA A 140 -38.37 23.81 8.70
CA ALA A 140 -37.78 24.57 7.59
C ALA A 140 -36.35 24.12 7.30
N PHE A 141 -35.59 23.85 8.36
CA PHE A 141 -34.22 23.35 8.23
C PHE A 141 -34.21 21.90 7.74
N VAL A 142 -35.19 21.11 8.19
CA VAL A 142 -35.35 19.72 7.76
C VAL A 142 -35.48 19.63 6.23
N GLU A 143 -36.31 20.49 5.65
CA GLU A 143 -36.50 20.56 4.21
C GLU A 143 -35.22 20.96 3.46
N LEU A 144 -34.46 21.87 4.06
CA LEU A 144 -33.15 22.28 3.54
C LEU A 144 -32.13 21.14 3.59
N ALA A 145 -32.18 20.37 4.67
CA ALA A 145 -31.30 19.21 4.85
C ALA A 145 -31.67 18.09 3.88
N GLU A 146 -32.97 17.86 3.72
CA GLU A 146 -33.48 16.88 2.75
C GLU A 146 -33.08 17.25 1.32
N ALA A 147 -32.97 18.56 1.07
CA ALA A 147 -32.57 19.08 -0.24
C ALA A 147 -31.14 18.72 -0.60
N VAL A 148 -30.23 18.75 0.38
CA VAL A 148 -28.82 18.43 0.13
C VAL A 148 -28.60 16.94 -0.18
N TYR A 149 -29.49 16.08 0.33
CA TYR A 149 -29.47 14.66 0.01
C TYR A 149 -29.88 14.43 -1.44
N THR A 150 -31.03 15.00 -1.81
CA THR A 150 -31.58 14.84 -3.16
C THR A 150 -30.70 15.50 -4.23
N ASN A 151 -30.10 16.64 -3.89
CA ASN A 151 -29.16 17.31 -4.78
C ASN A 151 -27.92 16.46 -5.08
N ASP A 152 -27.40 15.79 -4.05
CA ASP A 152 -26.25 14.90 -4.20
C ASP A 152 -26.57 13.70 -5.08
N VAL A 153 -27.78 13.15 -4.93
CA VAL A 153 -28.28 12.08 -5.80
C VAL A 153 -28.26 12.55 -7.26
N ALA A 154 -28.80 13.75 -7.50
CA ALA A 154 -28.84 14.35 -8.82
C ALA A 154 -27.44 14.64 -9.37
N PHE A 155 -26.54 15.09 -8.50
CA PHE A 155 -25.15 15.36 -8.89
C PHE A 155 -24.47 14.08 -9.39
N ASN A 156 -24.68 12.99 -8.68
CA ASN A 156 -24.08 11.70 -9.03
C ASN A 156 -24.64 11.09 -10.31
N GLU A 157 -25.95 11.28 -10.53
CA GLU A 157 -26.61 10.86 -11.76
C GLU A 157 -25.97 11.51 -12.99
N GLY A 158 -25.58 12.78 -12.83
CA GLY A 158 -24.87 13.52 -13.87
C GLY A 158 -23.45 13.02 -14.07
N ILE A 159 -22.71 12.90 -12.97
CA ILE A 159 -21.31 12.44 -13.00
C ILE A 159 -21.14 11.11 -13.75
N ARG A 161 -22.98 9.75 -16.07
CA ARG A 161 -23.26 9.90 -17.50
C ARG A 161 -22.12 10.61 -18.21
N HIS A 162 -21.70 11.75 -17.67
CA HIS A 162 -20.59 12.52 -18.22
C HIS A 162 -19.31 11.70 -18.25
N GLY A 163 -19.01 11.04 -17.13
CA GLY A 163 -17.81 10.22 -16.98
C GLY A 163 -17.74 9.03 -17.91
N ALA A 164 -18.81 8.24 -17.94
CA ALA A 164 -18.86 7.04 -18.79
C ALA A 164 -18.81 7.36 -20.28
N ALA A 165 -19.53 8.40 -20.70
CA ALA A 165 -19.58 8.79 -22.12
C ALA A 165 -18.22 9.30 -22.63
N HIS A 166 -17.57 10.12 -21.82
CA HIS A 166 -16.25 10.68 -22.15
C HIS A 166 -15.17 9.60 -22.26
N ILE A 167 -15.16 8.69 -21.29
CA ILE A 167 -14.19 7.59 -21.26
C ILE A 167 -14.44 6.60 -22.40
N LEU A 168 -15.71 6.38 -22.71
CA LEU A 168 -16.11 5.48 -23.80
C LEU A 168 -15.79 6.06 -25.17
N ALA A 169 -15.88 7.39 -25.29
CA ALA A 169 -15.55 8.10 -26.52
C ALA A 169 -14.04 8.05 -26.80
N ALA A 170 -13.25 8.14 -25.73
CA ALA A 170 -11.79 8.03 -25.81
C ALA A 170 -11.37 6.60 -26.13
N ALA A 171 -12.16 5.64 -25.65
CA ALA A 171 -11.93 4.22 -25.89
C ALA A 171 -12.18 3.85 -27.36
N LYS A 172 -13.30 4.36 -27.90
CA LYS A 172 -13.69 4.05 -29.28
C LYS A 172 -12.89 4.84 -30.32
N ALA A 173 -12.27 5.94 -29.89
CA ALA A 173 -11.32 6.69 -30.71
C ALA A 173 -10.06 5.84 -30.93
N GLU A 174 -9.68 5.09 -29.90
CA GLU A 174 -8.69 4.03 -30.03
C GLU A 174 -9.39 2.76 -30.53
N GLY A 175 -8.72 1.61 -30.46
CA GLY A 175 -9.30 0.37 -30.95
C GLY A 175 -9.96 -0.49 -29.88
N ARG A 176 -10.56 0.14 -28.87
CA ARG A 176 -11.07 -0.59 -27.72
C ARG A 176 -12.58 -0.44 -27.49
N ASP A 177 -13.26 -1.58 -27.33
CA ASP A 177 -14.70 -1.62 -27.10
C ASP A 177 -15.07 -1.66 -25.62
N LYS A 178 -14.18 -2.21 -24.81
CA LYS A 178 -14.38 -2.30 -23.36
C LYS A 178 -13.21 -1.67 -22.61
N VAL A 179 -13.48 -1.12 -21.42
CA VAL A 179 -12.48 -0.39 -20.64
C VAL A 179 -12.07 -1.09 -19.34
N SER A 180 -10.79 -0.91 -18.99
CA SER A 180 -10.28 -1.32 -17.68
C SER A 180 -9.99 -0.07 -16.84
N ILE A 181 -10.61 -0.01 -15.67
CA ILE A 181 -10.51 1.16 -14.79
C ILE A 181 -9.75 0.81 -13.51
N LEU A 182 -8.78 1.64 -13.15
CA LEU A 182 -8.08 1.52 -11.88
C LEU A 182 -8.53 2.62 -10.93
N THR A 183 -8.88 2.25 -9.70
CA THR A 183 -9.37 3.20 -8.72
C THR A 183 -8.75 3.02 -7.33
N ILE A 184 -9.06 3.94 -6.42
CA ILE A 184 -8.56 3.91 -5.05
C ILE A 184 -9.70 4.31 -4.10
N CYS A 185 -9.56 3.90 -2.84
CA CYS A 185 -10.53 4.23 -1.78
C CYS A 185 -11.92 3.68 -2.08
N ASN A 186 -12.95 4.30 -1.51
CA ASN A 186 -14.34 3.97 -1.82
C ASN A 186 -15.10 5.23 -2.21
N THR A 187 -15.71 5.19 -3.38
CA THR A 187 -16.44 6.34 -3.92
C THR A 187 -17.82 5.93 -4.45
N GLY A 188 -18.37 4.84 -3.91
CA GLY A 188 -19.66 4.32 -4.35
C GLY A 188 -20.82 4.85 -3.55
N ALA A 189 -21.86 4.02 -3.43
CA ALA A 189 -23.09 4.37 -2.70
C ALA A 189 -22.82 4.57 -1.20
N LEU A 190 -21.79 3.92 -0.68
CA LEU A 190 -21.40 4.02 0.72
C LEU A 190 -20.78 5.39 1.06
N ALA A 191 -20.07 5.96 0.10
CA ALA A 191 -19.37 7.24 0.27
C ALA A 191 -20.23 8.45 -0.08
N THR A 192 -21.42 8.20 -0.62
CA THR A 192 -22.30 9.26 -1.09
C THR A 192 -23.74 9.01 -0.64
N SER A 193 -24.67 9.74 -1.23
CA SER A 193 -26.09 9.50 -1.03
C SER A 193 -26.53 8.28 -1.86
N ARG A 194 -26.17 8.28 -3.14
CA ARG A 194 -26.58 7.25 -4.08
C ARG A 194 -25.61 7.16 -5.26
N TYR A 195 -25.42 5.93 -5.77
CA TYR A 195 -24.60 5.64 -6.96
C TYR A 195 -23.10 5.84 -6.76
N GLY A 196 -22.71 7.03 -6.31
CA GLY A 196 -21.31 7.37 -6.11
C GLY A 196 -20.75 8.28 -7.17
N THR A 197 -19.44 8.53 -7.08
CA THR A 197 -18.76 9.43 -8.01
C THR A 197 -17.89 8.66 -8.99
N ALA A 198 -16.65 8.36 -8.60
CA ALA A 198 -15.74 7.58 -9.43
C ALA A 198 -16.25 6.15 -9.67
N LEU A 199 -16.82 5.54 -8.64
CA LEU A 199 -17.44 4.22 -8.79
C LEU A 199 -18.80 4.33 -9.47
N GLY A 200 -19.39 5.51 -9.43
CA GLY A 200 -20.62 5.81 -10.19
C GLY A 200 -20.36 5.69 -11.68
N VAL A 201 -19.23 6.24 -12.13
CA VAL A 201 -18.78 6.13 -13.52
C VAL A 201 -18.58 4.65 -13.89
N VAL A 202 -17.94 3.91 -12.99
CA VAL A 202 -17.71 2.47 -13.16
C VAL A 202 -19.04 1.72 -13.29
N ARG A 203 -20.01 2.07 -12.45
CA ARG A 203 -21.35 1.48 -12.49
C ARG A 203 -22.02 1.70 -13.84
N GLN A 204 -21.96 2.93 -14.35
CA GLN A 204 -22.58 3.29 -15.63
C GLN A 204 -21.96 2.52 -16.81
N LEU A 205 -20.63 2.40 -16.79
CA LEU A 205 -19.91 1.61 -17.79
C LEU A 205 -20.30 0.14 -17.73
N PHE A 206 -20.54 -0.36 -16.52
CA PHE A 206 -20.95 -1.74 -16.29
C PHE A 206 -22.37 -2.01 -16.79
N TYR A 207 -23.28 -1.07 -16.54
CA TYR A 207 -24.69 -1.19 -16.97
C TYR A 207 -24.81 -1.18 -18.50
N ASP A 208 -23.96 -0.38 -19.14
CA ASP A 208 -23.94 -0.28 -20.60
C ASP A 208 -23.28 -1.48 -21.28
N GLY A 209 -22.69 -2.37 -20.48
CA GLY A 209 -21.99 -3.54 -20.99
C GLY A 209 -20.64 -3.20 -21.57
N LYS A 210 -20.01 -2.16 -21.03
CA LYS A 210 -18.77 -1.61 -21.57
C LYS A 210 -17.57 -1.73 -20.63
N LEU A 211 -17.80 -2.28 -19.44
CA LEU A 211 -16.74 -2.46 -18.46
C LEU A 211 -16.14 -3.86 -18.52
N GLU A 212 -14.84 -3.93 -18.79
CA GLU A 212 -14.10 -5.18 -18.74
C GLU A 212 -13.83 -5.54 -17.28
N ARG A 213 -13.30 -4.58 -16.53
CA ARG A 213 -12.86 -4.81 -15.15
C ARG A 213 -12.56 -3.49 -14.43
N VAL A 214 -12.93 -3.43 -13.16
CA VAL A 214 -12.44 -2.38 -12.27
C VAL A 214 -11.37 -2.97 -11.34
N TYR A 215 -10.20 -2.34 -11.33
CA TYR A 215 -9.13 -2.71 -10.41
C TYR A 215 -9.19 -1.80 -9.19
N ALA A 216 -9.27 -2.41 -8.01
CA ALA A 216 -9.39 -1.66 -6.76
C ALA A 216 -8.15 -1.80 -5.89
N CYS A 217 -7.51 -0.66 -5.59
CA CYS A 217 -6.42 -0.61 -4.63
C CYS A 217 -6.96 -0.85 -3.23
N GLU A 218 -6.25 -1.69 -2.46
CA GLU A 218 -6.61 -2.00 -1.08
C GLU A 218 -6.92 -0.75 -0.24
N THR A 219 -6.04 0.24 -0.36
CA THR A 219 -6.17 1.54 0.31
C THR A 219 -5.92 1.48 1.82
N ARG A 220 -4.69 1.15 2.18
CA ARG A 220 -4.23 1.17 3.57
C ARG A 220 -4.24 2.60 4.12
N PRO A 221 -4.37 2.77 5.45
CA PRO A 221 -4.53 1.74 6.48
C PRO A 221 -5.98 1.38 6.83
N TRP A 222 -6.94 2.17 6.38
CA TRP A 222 -8.34 1.98 6.74
C TRP A 222 -9.03 0.93 5.85
N ASN A 223 -8.43 0.65 4.70
CA ASN A 223 -8.90 -0.39 3.76
C ASN A 223 -10.27 -0.14 3.12
N GLN A 224 -10.50 1.10 2.71
CA GLN A 224 -11.73 1.47 2.00
C GLN A 224 -11.93 0.66 0.71
N GLY A 225 -10.82 0.36 0.04
CA GLY A 225 -10.85 -0.41 -1.20
C GLY A 225 -11.16 -1.88 -0.99
N ALA A 226 -10.38 -2.53 -0.12
CA ALA A 226 -10.53 -3.96 0.14
C ALA A 226 -11.85 -4.33 0.82
N ARG A 227 -12.33 -3.44 1.69
CA ARG A 227 -13.50 -3.73 2.50
C ARG A 227 -14.82 -3.21 1.93
N LEU A 228 -14.80 -1.99 1.41
CA LEU A 228 -16.02 -1.32 0.98
C LEU A 228 -16.27 -1.38 -0.53
N THR A 229 -15.24 -1.08 -1.32
CA THR A 229 -15.34 -1.08 -2.78
C THR A 229 -15.55 -2.48 -3.34
N VAL A 230 -14.81 -3.45 -2.82
CA VAL A 230 -14.98 -4.86 -3.20
C VAL A 230 -16.40 -5.32 -2.86
N TYR A 231 -16.85 -4.97 -1.65
CA TYR A 231 -18.20 -5.28 -1.19
C TYR A 231 -19.28 -4.79 -2.15
N GLU A 232 -19.17 -3.52 -2.56
CA GLU A 232 -20.13 -2.92 -3.50
C GLU A 232 -20.15 -3.64 -4.85
N CYS A 233 -18.96 -3.97 -5.36
CA CYS A 233 -18.82 -4.69 -6.64
C CYS A 233 -19.41 -6.11 -6.57
N VAL A 234 -19.23 -6.77 -5.43
CA VAL A 234 -19.75 -8.13 -5.23
C VAL A 234 -21.29 -8.16 -5.20
N GLN A 235 -21.88 -7.19 -4.50
CA GLN A 235 -23.35 -7.09 -4.39
C GLN A 235 -24.04 -6.85 -5.74
N GLU A 236 -23.31 -6.25 -6.68
CA GLU A 236 -23.88 -5.93 -8.00
C GLU A 236 -23.25 -6.73 -9.13
N ASP A 237 -22.41 -7.71 -8.77
CA ASP A 237 -21.73 -8.59 -9.73
C ASP A 237 -20.85 -7.85 -10.74
N ILE A 238 -20.32 -6.70 -10.32
CA ILE A 238 -19.38 -5.91 -11.10
C ILE A 238 -18.01 -6.58 -11.10
N PRO A 239 -17.50 -6.95 -12.29
CA PRO A 239 -16.18 -7.60 -12.39
C PRO A 239 -15.09 -6.73 -11.76
N CYS A 240 -14.45 -7.28 -10.73
CA CYS A 240 -13.54 -6.51 -9.88
C CYS A 240 -12.27 -7.31 -9.56
N THR A 241 -11.15 -6.61 -9.51
CA THR A 241 -9.89 -7.21 -9.10
C THR A 241 -9.22 -6.37 -8.00
N LEU A 242 -9.00 -6.99 -6.85
CA LEU A 242 -8.35 -6.32 -5.73
C LEU A 242 -6.84 -6.48 -5.82
N ILE A 243 -6.13 -5.37 -5.62
CA ILE A 243 -4.67 -5.35 -5.60
C ILE A 243 -4.15 -4.61 -4.36
N CYS A 244 -2.91 -4.89 -4.00
CA CYS A 244 -2.22 -4.11 -2.97
C CYS A 244 -1.79 -2.78 -3.58
N ASP A 245 -1.74 -1.74 -2.75
CA ASP A 245 -1.40 -0.39 -3.20
C ASP A 245 -0.08 -0.31 -3.97
N GLY A 246 0.92 -1.06 -3.51
CA GLY A 246 2.24 -1.07 -4.13
C GLY A 246 2.32 -1.75 -5.49
N ALA A 247 1.28 -2.53 -5.82
CA ALA A 247 1.26 -3.29 -7.08
C ALA A 247 0.73 -2.48 -8.26
N ALA A 248 0.30 -1.25 -7.98
CA ALA A 248 -0.31 -0.36 -8.98
C ALA A 248 0.57 -0.09 -10.20
N SER A 249 1.86 0.15 -9.96
CA SER A 249 2.81 0.43 -11.03
C SER A 249 3.04 -0.78 -11.92
N SER A 250 3.21 -1.95 -11.31
CA SER A 250 3.39 -3.20 -12.05
C SER A 250 2.15 -3.55 -12.87
N LEU A 251 0.98 -3.25 -12.32
CA LEU A 251 -0.29 -3.47 -13.03
C LEU A 251 -0.37 -2.66 -14.32
N LEU A 253 2.03 -1.31 -16.10
CA LEU A 253 3.05 -1.71 -17.06
C LEU A 253 2.68 -3.02 -17.78
N ASN A 254 2.19 -3.99 -17.01
CA ASN A 254 1.92 -5.34 -17.54
C ASN A 254 0.55 -5.50 -18.19
N ARG A 255 -0.41 -4.69 -17.79
CA ARG A 255 -1.76 -4.76 -18.35
C ARG A 255 -2.23 -3.40 -18.87
N LYS A 256 -3.14 -3.43 -19.85
CA LYS A 256 -3.69 -2.21 -20.41
C LYS A 256 -4.78 -1.64 -19.50
N ILE A 257 -4.50 -0.48 -18.94
CA ILE A 257 -5.45 0.28 -18.13
C ILE A 257 -5.86 1.51 -18.92
N ASP A 258 -7.15 1.64 -19.20
CA ASP A 258 -7.69 2.73 -20.01
C ASP A 258 -7.68 4.07 -19.26
N ALA A 259 -8.06 4.04 -17.99
CA ALA A 259 -8.10 5.25 -17.17
C ALA A 259 -8.00 4.95 -15.68
N VAL A 260 -7.36 5.87 -14.95
CA VAL A 260 -7.44 5.91 -13.51
C VAL A 260 -8.52 6.92 -13.15
N VAL A 261 -9.57 6.44 -12.49
CA VAL A 261 -10.68 7.29 -12.09
C VAL A 261 -10.78 7.30 -10.56
N VAL A 262 -10.50 8.46 -9.97
CA VAL A 262 -10.50 8.61 -8.52
C VAL A 262 -11.52 9.64 -8.05
N GLY A 263 -11.81 9.65 -6.75
CA GLY A 263 -12.69 10.64 -6.16
C GLY A 263 -11.93 11.85 -5.69
N ALA A 264 -12.58 12.68 -4.88
CA ALA A 264 -11.96 13.88 -4.32
C ALA A 264 -12.54 14.25 -2.96
N ASP A 265 -11.75 14.98 -2.17
CA ASP A 265 -12.21 15.52 -0.89
C ASP A 265 -12.22 17.05 -0.94
N ARG A 266 -11.24 17.63 -1.62
CA ARG A 266 -11.16 19.08 -1.83
C ARG A 266 -10.43 19.37 -3.14
N ILE A 267 -11.09 20.08 -4.04
CA ILE A 267 -10.48 20.51 -5.30
C ILE A 267 -10.30 22.03 -5.28
N CYS A 268 -9.03 22.45 -5.25
CA CYS A 268 -8.66 23.87 -5.17
C CYS A 268 -8.97 24.60 -6.48
N GLN A 269 -8.85 25.94 -6.44
CA GLN A 269 -9.12 26.79 -7.59
C GLN A 269 -8.31 26.43 -8.84
N ASN A 270 -7.02 26.14 -8.64
CA ASN A 270 -6.13 25.76 -9.74
C ASN A 270 -6.32 24.32 -10.21
N GLY A 271 -7.03 23.53 -9.43
CA GLY A 271 -7.32 22.14 -9.77
C GLY A 271 -6.69 21.12 -8.84
N ASP A 272 -5.75 21.56 -8.01
CA ASP A 272 -5.07 20.68 -7.05
C ASP A 272 -6.09 19.91 -6.20
N THR A 273 -5.95 18.58 -6.18
CA THR A 273 -6.95 17.71 -5.57
C THR A 273 -6.45 17.00 -4.32
N ALA A 274 -7.11 17.29 -3.19
CA ALA A 274 -6.91 16.54 -1.97
C ALA A 274 -7.78 15.29 -2.04
N ASN A 275 -7.14 14.13 -1.88
CA ASN A 275 -7.84 12.84 -1.89
C ASN A 275 -7.10 11.84 -1.01
N LYS A 276 -7.72 10.69 -0.78
CA LYS A 276 -7.16 9.65 0.09
CA LYS A 276 -7.16 9.63 0.07
C LYS A 276 -5.68 9.40 -0.21
N ILE A 277 -4.91 9.21 0.86
CA ILE A 277 -3.48 8.92 0.78
C ILE A 277 -3.24 7.78 -0.21
N GLY A 278 -2.26 7.96 -1.10
CA GLY A 278 -1.97 7.02 -2.17
C GLY A 278 -2.39 7.50 -3.54
N THR A 279 -3.31 8.46 -3.58
CA THR A 279 -3.81 9.01 -4.85
C THR A 279 -2.71 9.73 -5.63
N TYR A 280 -1.88 10.49 -4.91
CA TYR A 280 -0.73 11.17 -5.51
C TYR A 280 0.26 10.17 -6.08
N ASN A 281 0.52 9.10 -5.31
CA ASN A 281 1.37 7.98 -5.74
C ASN A 281 0.86 7.36 -7.02
N LEU A 282 -0.46 7.20 -7.10
CA LEU A 282 -1.16 6.65 -8.25
C LEU A 282 -1.03 7.57 -9.47
N ALA A 283 -1.14 8.89 -9.23
CA ALA A 283 -1.04 9.91 -10.27
C ALA A 283 0.36 10.00 -10.88
N VAL A 284 1.38 9.90 -10.03
CA VAL A 284 2.78 9.90 -10.47
C VAL A 284 3.04 8.71 -11.40
N SER A 285 2.55 7.54 -11.01
CA SER A 285 2.70 6.32 -11.79
C SER A 285 1.86 6.35 -13.08
N ALA A 286 0.66 6.91 -12.98
CA ALA A 286 -0.23 7.06 -14.14
C ALA A 286 0.41 7.87 -15.26
N LYS A 287 1.10 8.95 -14.89
CA LYS A 287 1.81 9.79 -15.86
C LYS A 287 2.99 9.03 -16.49
N PHE A 288 3.69 8.26 -15.67
CA PHE A 288 4.84 7.46 -16.12
C PHE A 288 4.44 6.40 -17.15
N HIS A 289 3.25 5.82 -16.96
CA HIS A 289 2.77 4.72 -17.81
C HIS A 289 1.81 5.19 -18.92
N GLY A 290 1.58 6.49 -19.00
CA GLY A 290 0.72 7.07 -20.04
C GLY A 290 -0.76 6.74 -19.87
N VAL A 291 -1.19 6.62 -18.62
CA VAL A 291 -2.60 6.35 -18.31
C VAL A 291 -3.24 7.64 -17.80
N LYS A 292 -4.24 8.12 -18.54
CA LYS A 292 -4.93 9.36 -18.17
C LYS A 292 -5.69 9.24 -16.86
N LEU A 293 -5.59 10.27 -16.02
CA LEU A 293 -6.22 10.26 -14.71
C LEU A 293 -7.41 11.22 -14.64
N TYR A 294 -8.53 10.70 -14.15
CA TYR A 294 -9.75 11.46 -13.99
C TYR A 294 -10.11 11.62 -12.51
N VAL A 295 -10.55 12.83 -12.15
CA VAL A 295 -11.06 13.09 -10.80
C VAL A 295 -12.56 13.34 -10.87
N ALA A 296 -13.32 12.46 -10.23
CA ALA A 296 -14.78 12.55 -10.23
C ALA A 296 -15.30 13.03 -8.88
N ALA A 297 -16.04 14.13 -8.90
CA ALA A 297 -16.58 14.74 -7.69
C ALA A 297 -17.71 15.73 -8.02
N PRO A 298 -18.70 15.86 -7.12
CA PRO A 298 -19.71 16.90 -7.31
C PRO A 298 -19.11 18.29 -7.06
N THR A 299 -19.78 19.33 -7.55
CA THR A 299 -19.27 20.70 -7.46
C THR A 299 -19.21 21.21 -6.01
N THR A 300 -19.90 20.51 -5.12
CA THR A 300 -19.84 20.80 -3.68
C THR A 300 -18.52 20.33 -3.05
N THR A 301 -17.72 19.61 -3.83
CA THR A 301 -16.37 19.19 -3.45
C THR A 301 -15.33 20.21 -3.96
N LEU A 302 -15.77 21.12 -4.81
CA LEU A 302 -14.92 22.18 -5.33
C LEU A 302 -14.78 23.33 -4.33
N ASP A 303 -13.61 23.95 -4.30
CA ASP A 303 -13.29 24.97 -3.29
C ASP A 303 -12.60 26.20 -3.88
N VAL A 304 -13.37 27.26 -4.10
CA VAL A 304 -12.83 28.52 -4.59
C VAL A 304 -11.99 29.25 -3.54
N LYS A 305 -12.28 29.00 -2.27
CA LYS A 305 -11.64 29.66 -1.14
C LYS A 305 -10.20 29.20 -0.91
N THR A 306 -9.82 28.06 -1.49
CA THR A 306 -8.45 27.57 -1.41
C THR A 306 -7.78 27.62 -2.78
N ALA A 307 -6.66 28.34 -2.86
CA ALA A 307 -5.99 28.62 -4.13
C ALA A 307 -5.24 27.41 -4.70
N SER A 308 -4.44 26.75 -3.85
CA SER A 308 -3.61 25.62 -4.28
C SER A 308 -3.46 24.56 -3.19
N GLY A 309 -2.88 23.42 -3.57
CA GLY A 309 -2.77 22.25 -2.70
C GLY A 309 -2.01 22.43 -1.40
N ASN A 310 -1.02 23.32 -1.41
CA ASN A 310 -0.22 23.62 -0.22
C ASN A 310 -0.99 24.38 0.88
N HIS A 311 -2.20 24.84 0.56
CA HIS A 311 -3.04 25.55 1.52
C HIS A 311 -4.15 24.67 2.09
N VAL A 312 -4.11 23.38 1.76
CA VAL A 312 -5.06 22.41 2.28
C VAL A 312 -4.54 21.80 3.58
N GLU A 313 -5.38 21.78 4.61
CA GLU A 313 -5.07 21.08 5.84
C GLU A 313 -5.24 19.58 5.63
N ILE A 314 -4.16 18.84 5.80
CA ILE A 314 -4.18 17.38 5.64
C ILE A 314 -4.37 16.71 7.00
N GLU A 315 -5.48 15.99 7.13
CA GLU A 315 -5.78 15.27 8.36
C GLU A 315 -4.78 14.15 8.59
N GLU A 316 -4.25 14.09 9.80
CA GLU A 316 -3.48 12.94 10.28
C GLU A 316 -4.30 12.25 11.35
N ARG A 317 -4.29 10.92 11.35
CA ARG A 317 -5.10 10.16 12.30
C ARG A 317 -4.26 9.27 13.22
N GLU A 318 -4.92 8.73 14.24
CA GLU A 318 -4.29 7.86 15.25
C GLU A 318 -3.39 6.78 14.63
N PRO A 319 -2.18 6.61 15.20
CA PRO A 319 -1.20 5.64 14.69
C PRO A 319 -1.64 4.18 14.84
N THR A 320 -2.69 3.96 15.63
CA THR A 320 -3.25 2.62 15.85
C THR A 320 -3.93 2.06 14.59
N GLU A 321 -4.28 2.95 13.66
CA GLU A 321 -4.83 2.54 12.37
C GLU A 321 -3.84 1.68 11.59
N ILE A 322 -2.55 1.93 11.81
CA ILE A 322 -1.47 1.18 11.17
C ILE A 322 -0.91 0.08 12.10
N THR A 323 -0.76 0.40 13.38
CA THR A 323 -0.06 -0.49 14.33
C THR A 323 -0.92 -1.60 14.93
N THR A 324 -2.24 -1.41 14.93
CA THR A 324 -3.13 -2.41 15.52
C THR A 324 -4.13 -2.96 14.52
N ASN A 325 -4.53 -4.21 14.75
CA ASN A 325 -5.56 -4.84 13.96
C ASN A 325 -6.92 -4.21 14.29
N LEU A 326 -7.59 -3.73 13.25
CA LEU A 326 -8.90 -3.10 13.43
C LEU A 326 -9.93 -4.19 13.73
N VAL A 327 -9.46 -5.44 13.84
CA VAL A 327 -10.32 -6.63 14.00
C VAL A 327 -9.95 -7.50 15.23
N THR A 328 -8.76 -8.12 15.22
CA THR A 328 -8.31 -8.97 16.33
C THR A 328 -7.84 -8.15 17.53
N LYS A 329 -7.66 -6.85 17.31
CA LYS A 329 -7.22 -5.90 18.33
C LYS A 329 -5.81 -6.18 18.88
N GLN A 330 -5.02 -6.91 18.11
CA GLN A 330 -3.62 -7.18 18.45
C GLN A 330 -2.74 -6.11 17.85
N ARG A 331 -1.74 -5.66 18.61
CA ARG A 331 -0.75 -4.72 18.08
C ARG A 331 0.22 -5.49 17.20
N VAL A 332 0.00 -5.41 15.89
CA VAL A 332 0.75 -6.21 14.92
C VAL A 332 2.12 -5.63 14.57
N VAL A 333 2.47 -4.53 15.22
CA VAL A 333 3.73 -3.85 15.02
C VAL A 333 4.44 -3.71 16.37
N ALA A 334 5.75 -3.94 16.38
CA ALA A 334 6.57 -3.78 17.59
C ALA A 334 6.60 -2.31 18.03
N ASP A 335 6.81 -2.08 19.32
CA ASP A 335 6.83 -0.72 19.86
C ASP A 335 8.15 -0.38 20.56
N GLY A 336 8.60 0.86 20.37
CA GLY A 336 9.84 1.34 20.97
C GLY A 336 9.89 2.86 21.06
N PRO A 337 10.79 3.40 21.90
CA PRO A 337 10.93 4.86 22.09
C PRO A 337 11.42 5.62 20.85
N HIS A 338 12.12 4.94 19.95
CA HIS A 338 12.67 5.57 18.75
C HIS A 338 11.91 5.19 17.47
N LEU A 339 10.64 4.82 17.64
CA LEU A 339 9.76 4.52 16.52
C LEU A 339 8.64 5.54 16.46
N SER A 340 8.38 6.04 15.26
CA SER A 340 7.23 6.91 15.03
C SER A 340 6.41 6.42 13.85
N ILE A 341 5.13 6.81 13.82
CA ILE A 341 4.22 6.41 12.76
C ILE A 341 3.73 7.65 12.03
N TRP A 342 3.96 7.70 10.72
CA TRP A 342 3.42 8.79 9.91
C TRP A 342 2.12 8.32 9.25
N ASN A 343 1.01 8.90 9.71
CA ASN A 343 -0.32 8.51 9.23
C ASN A 343 -1.15 9.67 8.67
N PRO A 344 -0.71 10.27 7.56
CA PRO A 344 -1.60 11.19 6.86
C PRO A 344 -2.63 10.37 6.09
N VAL A 345 -3.90 10.78 6.15
CA VAL A 345 -4.95 10.02 5.47
C VAL A 345 -5.39 10.68 4.15
N PHE A 346 -4.69 11.75 3.78
CA PHE A 346 -4.87 12.40 2.48
C PHE A 346 -3.52 12.82 1.91
N ASP A 347 -3.47 12.98 0.59
CA ASP A 347 -2.36 13.67 -0.06
C ASP A 347 -2.89 14.58 -1.17
N ILE A 348 -2.00 15.37 -1.77
CA ILE A 348 -2.39 16.27 -2.84
C ILE A 348 -1.92 15.75 -4.19
N THR A 349 -2.86 15.67 -5.12
CA THR A 349 -2.56 15.42 -6.53
C THR A 349 -2.57 16.78 -7.24
N PRO A 350 -1.38 17.25 -7.66
CA PRO A 350 -1.29 18.55 -8.35
C PRO A 350 -2.01 18.49 -9.69
N SER A 351 -2.57 19.63 -10.11
CA SER A 351 -3.37 19.73 -11.34
C SER A 351 -2.66 19.23 -12.59
N GLU A 352 -1.33 19.30 -12.60
CA GLU A 352 -0.50 18.81 -13.71
C GLU A 352 -0.72 17.33 -13.97
N LEU A 353 -1.00 16.57 -12.92
CA LEU A 353 -1.14 15.11 -13.00
C LEU A 353 -2.57 14.63 -13.27
N ILE A 354 -3.51 15.58 -13.28
CA ILE A 354 -4.89 15.28 -13.67
C ILE A 354 -4.99 15.47 -15.18
N THR A 355 -4.54 14.45 -15.91
CA THR A 355 -4.36 14.50 -17.35
C THR A 355 -5.63 14.25 -18.15
N GLY A 356 -6.55 13.49 -17.57
CA GLY A 356 -7.83 13.17 -18.20
C GLY A 356 -8.82 14.31 -18.09
N GLY A 357 -9.14 14.70 -16.85
CA GLY A 357 -10.07 15.80 -16.59
C GLY A 357 -10.82 15.68 -15.28
N ILE A 358 -11.52 16.75 -14.91
CA ILE A 358 -12.34 16.75 -13.69
C ILE A 358 -13.82 16.57 -14.03
N ILE A 359 -14.40 15.48 -13.55
CA ILE A 359 -15.77 15.11 -13.85
C ILE A 359 -16.72 15.56 -12.73
N THR A 360 -17.56 16.55 -13.04
CA THR A 360 -18.62 16.98 -12.13
C THR A 360 -19.99 16.71 -12.76
N GLU A 361 -21.05 17.21 -12.13
CA GLU A 361 -22.40 17.07 -12.69
C GLU A 361 -22.63 18.04 -13.85
N LYS A 362 -21.77 19.05 -13.94
CA LYS A 362 -21.80 20.04 -15.02
C LYS A 362 -21.28 19.43 -16.33
N GLY A 363 -20.36 18.48 -16.20
CA GLY A 363 -19.76 17.81 -17.35
C GLY A 363 -18.36 17.32 -17.03
N VAL A 364 -17.58 17.10 -18.08
CA VAL A 364 -16.18 16.72 -17.93
C VAL A 364 -15.30 17.91 -18.34
N GLN A 365 -14.54 18.43 -17.38
CA GLN A 365 -13.66 19.54 -17.63
C GLN A 365 -12.24 19.06 -17.93
N ALA A 366 -11.83 19.18 -19.18
CA ALA A 366 -10.49 18.82 -19.61
C ALA A 366 -9.48 19.89 -19.18
N PRO A 367 -8.23 19.49 -18.90
CA PRO A 367 -7.20 20.45 -18.49
C PRO A 367 -6.79 21.39 -19.62
N ALA A 368 -6.23 22.54 -19.24
CA ALA A 368 -5.65 23.48 -20.20
C ALA A 368 -4.30 22.95 -20.70
N ALA A 369 -3.78 23.58 -21.75
CA ALA A 369 -2.50 23.16 -22.35
C ALA A 369 -1.32 23.32 -21.38
N SER A 370 -1.39 24.35 -20.53
CA SER A 370 -0.33 24.63 -19.56
C SER A 370 -0.95 25.16 -18.25
N ALA A 371 -0.15 25.89 -17.48
CA ALA A 371 -0.55 26.48 -16.17
C ALA A 371 -2.03 26.94 -16.09
N PRO A 372 -2.48 27.40 -14.90
CA PRO A 372 -3.81 27.12 -14.42
C PRO A 372 -4.63 26.17 -15.31
N TYR A 373 -4.33 24.88 -15.14
CA TYR A 373 -4.96 23.79 -15.90
C TYR A 373 -6.46 23.75 -15.72
N TYR A 374 -6.93 24.21 -14.55
CA TYR A 374 -8.35 24.24 -14.24
C TYR A 374 -8.78 25.56 -13.60
N ASP A 375 -9.99 25.98 -13.93
CA ASP A 375 -10.62 27.16 -13.35
C ASP A 375 -11.88 26.69 -12.62
N ILE A 376 -11.75 26.43 -11.33
CA ILE A 376 -12.82 25.84 -10.53
C ILE A 376 -14.01 26.80 -10.32
N ALA A 377 -13.72 28.09 -10.21
CA ALA A 377 -14.76 29.12 -10.13
C ALA A 377 -15.69 29.08 -11.34
N SER A 378 -15.13 28.80 -12.51
CA SER A 378 -15.90 28.70 -13.75
C SER A 378 -16.81 27.47 -13.80
N ILE A 379 -16.34 26.36 -13.24
CA ILE A 379 -17.12 25.12 -13.19
C ILE A 379 -18.36 25.30 -12.31
N ILE A 380 -18.18 26.01 -11.20
CA ILE A 380 -19.29 26.33 -10.28
C ILE A 380 -20.25 27.33 -10.92
N ALA A 381 -19.72 28.22 -11.74
CA ALA A 381 -20.53 29.23 -12.45
C ALA A 381 -21.34 28.64 -13.60
N GLN A 382 -20.96 27.45 -14.07
CA GLN A 382 -21.67 26.76 -15.16
C GLN A 382 -23.11 26.43 -14.78
N ALA A 383 -23.99 26.41 -15.77
CA ALA A 383 -25.41 26.12 -15.57
C ALA A 383 -25.65 24.63 -15.32
N THR B 17 21.20 -10.19 18.47
CA THR B 17 20.44 -11.46 18.66
C THR B 17 18.96 -11.14 18.61
N LEU B 18 18.30 -11.95 17.79
CA LEU B 18 17.34 -11.59 16.80
C LEU B 18 17.98 -12.09 15.48
N GLU B 19 18.45 -13.34 15.47
CA GLU B 19 18.93 -14.00 14.24
C GLU B 19 17.91 -15.05 13.81
N SER B 20 17.58 -15.05 12.52
CA SER B 20 16.56 -15.95 11.99
C SER B 20 17.07 -17.39 11.80
N ILE B 21 18.39 -17.53 11.74
CA ILE B 21 19.02 -18.83 11.54
C ILE B 21 19.90 -19.17 12.75
N LYS B 22 19.53 -20.23 13.47
CA LYS B 22 20.29 -20.70 14.62
C LYS B 22 20.96 -22.03 14.30
N TYR B 23 22.26 -21.98 14.04
CA TYR B 23 23.01 -23.18 13.66
C TYR B 23 24.14 -23.52 14.63
N THR B 24 24.21 -24.81 14.95
CA THR B 24 25.32 -25.40 15.68
C THR B 24 25.52 -26.81 15.12
N PRO B 25 26.79 -27.25 14.94
CA PRO B 25 27.05 -28.57 14.36
C PRO B 25 26.06 -29.64 14.80
N GLY B 26 25.26 -30.13 13.85
CA GLY B 26 24.28 -31.19 14.11
C GLY B 26 22.86 -30.70 14.36
N SER B 27 22.65 -29.38 14.33
CA SER B 27 21.35 -28.80 14.64
C SER B 27 21.08 -27.48 13.91
N LEU B 28 19.91 -27.41 13.27
CA LEU B 28 19.44 -26.17 12.66
C LEU B 28 18.04 -25.81 13.18
N ARG B 29 17.92 -24.58 13.69
CA ARG B 29 16.65 -24.05 14.15
C ARG B 29 16.32 -22.76 13.41
N LEU B 30 15.09 -22.66 12.93
CA LEU B 30 14.65 -21.48 12.19
C LEU B 30 13.55 -20.72 12.93
N LEU B 31 13.76 -19.41 13.06
CA LEU B 31 12.76 -18.52 13.60
C LEU B 31 11.57 -18.43 12.65
N ASP B 32 10.36 -18.61 13.18
CA ASP B 32 9.16 -18.47 12.38
C ASP B 32 8.88 -16.97 12.19
N GLN B 33 9.31 -16.45 11.05
CA GLN B 33 9.20 -15.03 10.75
C GLN B 33 7.76 -14.57 10.47
N ARG B 34 6.84 -15.52 10.36
CA ARG B 34 5.41 -15.24 10.21
C ARG B 34 4.80 -14.73 11.53
N LYS B 35 5.39 -15.13 12.65
CA LYS B 35 4.81 -14.88 13.97
C LYS B 35 5.33 -13.63 14.68
N LEU B 36 6.43 -13.07 14.18
CA LEU B 36 6.96 -11.81 14.68
C LEU B 36 6.03 -10.65 14.32
N PRO B 37 6.00 -9.59 15.16
CA PRO B 37 6.79 -9.36 16.37
C PRO B 37 6.16 -9.88 17.67
N LEU B 38 4.93 -10.38 17.61
CA LEU B 38 4.20 -10.82 18.79
C LEU B 38 4.79 -12.07 19.44
N GLU B 39 5.28 -12.98 18.61
CA GLU B 39 5.75 -14.28 19.07
C GLU B 39 7.14 -14.61 18.54
N THR B 40 7.97 -15.16 19.42
CA THR B 40 9.30 -15.63 19.05
C THR B 40 9.35 -17.16 19.16
N VAL B 41 9.25 -17.82 18.01
CA VAL B 41 9.20 -19.28 17.95
C VAL B 41 10.29 -19.83 17.03
N PHE B 42 11.03 -20.83 17.53
CA PHE B 42 12.03 -21.53 16.74
C PHE B 42 11.60 -22.97 16.49
N ASP B 43 11.74 -23.41 15.23
CA ASP B 43 11.39 -24.77 14.83
C ASP B 43 12.63 -25.56 14.41
N ASP B 44 12.72 -26.80 14.85
CA ASP B 44 13.80 -27.70 14.46
C ASP B 44 13.68 -28.10 12.99
N VAL B 45 14.80 -28.01 12.27
CA VAL B 45 14.89 -28.55 10.91
C VAL B 45 15.67 -29.86 10.97
N LEU B 46 14.95 -30.97 10.81
CA LEU B 46 15.55 -32.30 10.94
C LEU B 46 15.65 -33.02 9.61
N THR B 47 14.75 -32.69 8.69
CA THR B 47 14.68 -33.34 7.38
C THR B 47 14.76 -32.34 6.24
N VAL B 48 15.00 -32.85 5.03
CA VAL B 48 14.99 -32.02 3.81
C VAL B 48 13.57 -31.51 3.53
N GLU B 49 12.58 -32.27 3.97
CA GLU B 49 11.17 -31.88 3.85
C GLU B 49 10.85 -30.67 4.74
N ASP B 50 11.50 -30.61 5.90
CA ASP B 50 11.34 -29.49 6.85
C ASP B 50 11.82 -28.17 6.26
N ILE B 51 12.98 -28.19 5.61
CA ILE B 51 13.56 -26.97 5.05
C ILE B 51 12.84 -26.48 3.79
N TRP B 52 12.37 -27.42 2.97
CA TRP B 52 11.54 -27.10 1.81
C TRP B 52 10.27 -26.38 2.24
N SER B 53 9.60 -26.93 3.25
CA SER B 53 8.35 -26.37 3.78
C SER B 53 8.57 -25.01 4.43
N ALA B 54 9.68 -24.86 5.14
CA ALA B 54 10.04 -23.60 5.80
C ALA B 54 10.17 -22.46 4.80
N ILE B 55 10.80 -22.74 3.65
CA ILE B 55 10.95 -21.76 2.58
C ILE B 55 9.61 -21.48 1.90
N LYS B 56 8.89 -22.55 1.54
CA LYS B 56 7.60 -22.43 0.86
C LYS B 56 6.55 -21.67 1.70
N GLU B 57 6.49 -21.96 3.00
CA GLU B 57 5.56 -21.30 3.91
C GLU B 57 6.05 -19.92 4.36
N ARG B 59 8.41 -19.33 6.59
CA ARG B 59 8.87 -19.32 7.97
C ARG B 59 10.28 -18.71 7.98
N VAL B 60 11.09 -19.13 7.03
CA VAL B 60 12.33 -18.43 6.67
C VAL B 60 12.11 -17.73 5.33
N ARG B 61 12.50 -16.46 5.26
CA ARG B 61 12.39 -15.68 4.02
C ARG B 61 13.50 -14.64 3.91
N GLY B 62 13.53 -13.94 2.77
CA GLY B 62 14.66 -13.08 2.43
C GLY B 62 15.64 -13.89 1.61
N ALA B 63 15.98 -13.38 0.43
CA ALA B 63 16.81 -14.11 -0.55
C ALA B 63 18.05 -14.81 0.03
N PRO B 64 18.93 -14.07 0.73
CA PRO B 64 20.12 -14.71 1.29
C PRO B 64 19.82 -15.76 2.38
N ALA B 65 18.88 -15.45 3.28
CA ALA B 65 18.51 -16.37 4.35
C ALA B 65 17.92 -17.67 3.82
N ILE B 66 17.19 -17.58 2.71
CA ILE B 66 16.63 -18.75 2.02
C ILE B 66 17.75 -19.69 1.54
N ALA B 67 18.77 -19.12 0.90
CA ALA B 67 19.89 -19.89 0.36
C ALA B 67 20.77 -20.50 1.45
N VAL B 68 21.04 -19.72 2.49
CA VAL B 68 21.89 -20.14 3.60
C VAL B 68 21.22 -21.27 4.41
N SER B 69 19.94 -21.09 4.74
CA SER B 69 19.18 -22.10 5.50
C SER B 69 18.96 -23.37 4.69
N ALA B 70 18.85 -23.23 3.37
CA ALA B 70 18.70 -24.38 2.47
C ALA B 70 19.95 -25.27 2.51
N ALA B 71 21.12 -24.64 2.44
CA ALA B 71 22.40 -25.35 2.48
C ALA B 71 22.62 -26.02 3.84
N LEU B 72 22.33 -25.28 4.90
CA LEU B 72 22.44 -25.77 6.28
C LEU B 72 21.42 -26.87 6.57
N GLY B 73 20.20 -26.68 6.07
CA GLY B 73 19.11 -27.65 6.22
C GLY B 73 19.40 -29.00 5.59
N ILE B 74 19.88 -28.98 4.36
CA ILE B 74 20.30 -30.20 3.66
C ILE B 74 21.49 -30.86 4.38
N ALA B 75 22.44 -30.05 4.82
CA ALA B 75 23.63 -30.54 5.52
C ALA B 75 23.29 -31.26 6.83
N VAL B 76 22.42 -30.66 7.63
CA VAL B 76 22.01 -31.21 8.92
C VAL B 76 21.19 -32.50 8.75
N ALA B 77 20.23 -32.47 7.83
CA ALA B 77 19.38 -33.63 7.55
C ALA B 77 20.20 -34.83 7.09
N THR B 78 21.18 -34.59 6.23
CA THR B 78 22.03 -35.64 5.68
C THR B 78 22.98 -36.21 6.72
N GLN B 79 23.59 -35.32 7.52
CA GLN B 79 24.49 -35.71 8.60
C GLN B 79 23.77 -36.58 9.64
N ARG B 80 22.49 -36.26 9.88
CA ARG B 80 21.63 -37.03 10.79
C ARG B 80 21.36 -38.43 10.23
N LYS B 81 21.10 -38.51 8.92
CA LYS B 81 20.81 -39.77 8.25
C LYS B 81 22.05 -40.65 8.11
N ALA B 82 23.22 -40.02 7.98
CA ALA B 82 24.50 -40.73 7.92
C ALA B 82 24.91 -41.27 9.29
N ALA B 83 24.46 -40.59 10.34
CA ALA B 83 24.80 -40.96 11.73
C ALA B 83 24.03 -42.20 12.19
N ASN B 84 22.72 -42.22 11.94
CA ASN B 84 21.86 -43.31 12.40
C ASN B 84 21.73 -44.48 11.41
N GLY B 85 22.57 -44.47 10.38
CA GLY B 85 22.63 -45.56 9.41
C GLY B 85 21.49 -45.60 8.39
N GLU B 86 20.77 -44.49 8.25
CA GLU B 86 19.70 -44.36 7.26
C GLU B 86 20.28 -44.24 5.85
N LEU B 87 21.45 -43.62 5.75
CA LEU B 87 22.26 -43.65 4.53
C LEU B 87 23.49 -44.52 4.78
N LYS B 88 23.54 -45.65 4.09
CA LYS B 88 24.54 -46.69 4.37
C LYS B 88 25.93 -46.38 3.81
N SER B 89 26.00 -46.08 2.52
CA SER B 89 27.28 -45.86 1.85
C SER B 89 27.56 -44.37 1.58
N GLY B 90 28.76 -44.09 1.08
CA GLY B 90 29.15 -42.73 0.71
C GLY B 90 28.46 -42.25 -0.56
N ARG B 91 28.16 -43.17 -1.46
CA ARG B 91 27.45 -42.85 -2.70
C ARG B 91 25.96 -42.63 -2.44
N GLU B 92 25.44 -43.28 -1.40
CA GLU B 92 24.06 -43.09 -0.97
C GLU B 92 23.88 -41.68 -0.39
N VAL B 93 24.90 -41.20 0.31
CA VAL B 93 24.95 -39.83 0.80
C VAL B 93 25.09 -38.86 -0.38
N GLN B 94 25.99 -39.18 -1.30
CA GLN B 94 26.22 -38.38 -2.50
C GLN B 94 24.94 -38.20 -3.32
N THR B 95 24.26 -39.32 -3.59
CA THR B 95 22.99 -39.32 -4.32
C THR B 95 21.90 -38.53 -3.59
N PHE B 96 21.85 -38.68 -2.27
CA PHE B 96 20.87 -37.96 -1.44
C PHE B 96 21.13 -36.45 -1.46
N LEU B 97 22.40 -36.06 -1.43
CA LEU B 97 22.79 -34.65 -1.44
C LEU B 97 22.44 -33.95 -2.74
N LEU B 98 22.70 -34.61 -3.87
CA LEU B 98 22.41 -34.06 -5.19
C LEU B 98 20.91 -33.92 -5.42
N THR B 99 20.16 -34.95 -5.03
CA THR B 99 18.71 -34.97 -5.21
C THR B 99 18.00 -34.01 -4.24
N SER B 100 18.59 -33.81 -3.06
CA SER B 100 18.06 -32.87 -2.07
C SER B 100 18.21 -31.42 -2.53
N CYS B 101 19.31 -31.12 -3.21
CA CYS B 101 19.54 -29.78 -3.77
C CYS B 101 18.50 -29.44 -4.85
N ASP B 102 18.17 -30.43 -5.68
CA ASP B 102 17.14 -30.28 -6.71
C ASP B 102 15.76 -30.10 -6.10
N PHE B 103 15.47 -30.87 -5.06
CA PHE B 103 14.17 -30.83 -4.40
C PHE B 103 13.91 -29.49 -3.71
N VAL B 104 14.91 -28.97 -3.00
CA VAL B 104 14.78 -27.70 -2.27
C VAL B 104 14.66 -26.51 -3.23
N THR B 106 12.93 -26.38 -5.77
CA THR B 106 11.54 -26.35 -6.23
C THR B 106 10.63 -25.48 -5.34
N SER B 107 11.18 -24.97 -4.23
CA SER B 107 10.39 -24.24 -3.23
C SER B 107 9.89 -22.86 -3.70
N ARG B 108 10.81 -21.92 -3.93
CA ARG B 108 10.46 -20.57 -4.40
C ARG B 108 11.38 -20.13 -5.55
N PRO B 109 10.79 -19.69 -6.68
CA PRO B 109 11.52 -19.51 -7.94
C PRO B 109 12.21 -18.16 -8.19
N THR B 110 11.69 -17.06 -7.66
CA THR B 110 12.13 -15.72 -8.08
C THR B 110 13.56 -15.34 -7.60
N ALA B 111 13.82 -15.49 -6.31
CA ALA B 111 15.15 -15.18 -5.77
C ALA B 111 16.21 -16.17 -6.25
N VAL B 112 17.27 -15.65 -6.85
CA VAL B 112 18.31 -16.49 -7.47
C VAL B 112 19.32 -17.07 -6.48
N ASN B 113 19.44 -16.46 -5.30
CA ASN B 113 20.38 -16.91 -4.26
C ASN B 113 20.29 -18.41 -3.99
N LEU B 114 19.06 -18.91 -3.83
CA LEU B 114 18.81 -20.33 -3.63
C LEU B 114 19.40 -21.18 -4.76
N PHE B 115 19.24 -20.71 -5.99
CA PHE B 115 19.67 -21.45 -7.17
C PHE B 115 21.18 -21.35 -7.39
N ASN B 116 21.74 -20.16 -7.25
CA ASN B 116 23.18 -19.95 -7.33
C ASN B 116 23.96 -20.76 -6.29
N CYS B 117 23.44 -20.78 -5.07
CA CYS B 117 24.07 -21.50 -3.96
C CYS B 117 24.03 -23.01 -4.13
N LEU B 118 22.83 -23.55 -4.39
CA LEU B 118 22.65 -25.01 -4.47
C LEU B 118 23.23 -25.64 -5.74
N ARG B 119 23.24 -24.89 -6.84
CA ARG B 119 23.88 -25.35 -8.08
C ARG B 119 25.41 -25.37 -7.94
N ASP B 120 25.94 -24.39 -7.20
CA ASP B 120 27.37 -24.36 -6.88
C ASP B 120 27.76 -25.51 -5.94
N LEU B 121 26.85 -25.85 -5.03
CA LEU B 121 27.06 -26.94 -4.09
C LEU B 121 26.98 -28.33 -4.75
N LYS B 122 26.13 -28.45 -5.77
CA LYS B 122 25.98 -29.70 -6.52
C LYS B 122 27.25 -30.11 -7.25
N ALA B 123 27.91 -29.13 -7.87
CA ALA B 123 29.17 -29.36 -8.61
C ALA B 123 30.29 -29.81 -7.67
N GLN B 124 30.27 -29.31 -6.44
CA GLN B 124 31.25 -29.68 -5.43
C GLN B 124 31.00 -31.09 -4.86
N VAL B 125 29.72 -31.46 -4.79
CA VAL B 125 29.32 -32.81 -4.37
C VAL B 125 29.73 -33.86 -5.41
N ASP B 126 29.69 -33.46 -6.68
CA ASP B 126 30.08 -34.33 -7.80
C ASP B 126 31.53 -34.80 -7.74
N LYS B 127 32.41 -33.95 -7.21
CA LYS B 127 33.84 -34.25 -7.13
C LYS B 127 34.28 -34.86 -5.79
N LEU B 128 33.30 -35.24 -4.97
CA LEU B 128 33.56 -35.95 -3.72
C LEU B 128 33.71 -37.45 -3.94
N ASP B 129 34.49 -38.10 -3.08
CA ASP B 129 34.77 -39.53 -3.19
C ASP B 129 33.62 -40.37 -2.63
N PRO B 130 32.92 -41.12 -3.52
CA PRO B 130 31.74 -41.90 -3.12
C PRO B 130 32.05 -43.18 -2.36
N THR B 131 33.29 -43.68 -2.45
CA THR B 131 33.67 -44.92 -1.77
C THR B 131 33.95 -44.72 -0.27
N LYS B 132 34.09 -43.45 0.14
CA LYS B 132 34.34 -43.10 1.53
C LYS B 132 33.16 -43.45 2.45
N ALA B 133 33.38 -43.32 3.76
CA ALA B 133 32.33 -43.58 4.75
C ALA B 133 31.19 -42.59 4.64
N ALA B 134 29.99 -43.03 5.01
CA ALA B 134 28.77 -42.22 4.93
C ALA B 134 28.87 -40.92 5.73
N ALA B 135 29.50 -40.99 6.89
CA ALA B 135 29.69 -39.82 7.76
C ALA B 135 30.73 -38.85 7.20
N GLU B 136 31.69 -39.38 6.45
CA GLU B 136 32.79 -38.61 5.89
C GLU B 136 32.36 -37.71 4.73
N VAL B 137 31.50 -38.25 3.87
CA VAL B 137 30.96 -37.51 2.72
C VAL B 137 29.99 -36.42 3.19
N ALA B 138 29.22 -36.73 4.23
CA ALA B 138 28.26 -35.80 4.83
C ALA B 138 28.94 -34.63 5.53
N GLN B 139 30.04 -34.90 6.24
CA GLN B 139 30.80 -33.87 6.95
C GLN B 139 31.46 -32.89 5.98
N ALA B 140 31.88 -33.39 4.82
CA ALA B 140 32.46 -32.56 3.77
C ALA B 140 31.47 -31.52 3.25
N PHE B 141 30.21 -31.94 3.09
CA PHE B 141 29.13 -31.04 2.68
C PHE B 141 28.78 -30.04 3.78
N VAL B 142 28.82 -30.50 5.03
CA VAL B 142 28.56 -29.65 6.20
C VAL B 142 29.49 -28.43 6.21
N GLU B 143 30.78 -28.67 5.96
CA GLU B 143 31.78 -27.61 5.91
C GLU B 143 31.54 -26.65 4.75
N LEU B 144 31.06 -27.18 3.63
CA LEU B 144 30.68 -26.38 2.46
C LEU B 144 29.46 -25.51 2.76
N ALA B 145 28.50 -26.07 3.49
CA ALA B 145 27.30 -25.36 3.90
C ALA B 145 27.60 -24.28 4.93
N GLU B 146 28.50 -24.61 5.88
CA GLU B 146 28.98 -23.65 6.87
C GLU B 146 29.71 -22.48 6.22
N ALA B 147 30.36 -22.77 5.09
CA ALA B 147 31.08 -21.75 4.32
C ALA B 147 30.15 -20.70 3.72
N VAL B 148 28.97 -21.12 3.24
CA VAL B 148 28.03 -20.18 2.62
C VAL B 148 27.40 -19.22 3.64
N TYR B 149 27.33 -19.67 4.90
CA TYR B 149 26.87 -18.82 6.00
C TYR B 149 27.90 -17.74 6.29
N THR B 150 29.15 -18.15 6.50
CA THR B 150 30.24 -17.24 6.83
C THR B 150 30.55 -16.27 5.68
N ASN B 151 30.46 -16.76 4.44
CA ASN B 151 30.63 -15.92 3.26
C ASN B 151 29.60 -14.79 3.18
N ASP B 152 28.34 -15.13 3.49
CA ASP B 152 27.25 -14.13 3.50
C ASP B 152 27.46 -13.07 4.58
N VAL B 153 27.93 -13.49 5.75
CA VAL B 153 28.32 -12.57 6.81
C VAL B 153 29.37 -11.58 6.29
N ALA B 154 30.41 -12.11 5.65
CA ALA B 154 31.48 -11.31 5.07
C ALA B 154 30.98 -10.39 3.96
N PHE B 155 30.06 -10.89 3.13
CA PHE B 155 29.44 -10.10 2.06
C PHE B 155 28.73 -8.87 2.62
N ASN B 156 27.96 -9.08 3.68
CA ASN B 156 27.18 -8.02 4.31
C ASN B 156 28.05 -6.98 5.02
N GLU B 157 29.14 -7.43 5.63
CA GLU B 157 30.13 -6.55 6.25
C GLU B 157 30.72 -5.56 5.24
N GLY B 158 30.91 -6.04 4.01
CA GLY B 158 31.38 -5.20 2.91
C GLY B 158 30.31 -4.22 2.44
N ILE B 159 29.12 -4.76 2.18
CA ILE B 159 27.97 -3.97 1.69
C ILE B 159 27.68 -2.74 2.56
N ARG B 161 29.64 -1.09 4.57
CA ARG B 161 30.73 -0.11 4.49
C ARG B 161 30.72 0.67 3.18
N HIS B 162 30.54 -0.03 2.06
CA HIS B 162 30.47 0.61 0.74
C HIS B 162 29.28 1.55 0.60
N GLY B 163 28.11 1.07 0.99
CA GLY B 163 26.86 1.84 0.88
C GLY B 163 26.82 3.10 1.72
N ALA B 164 27.18 2.96 3.01
CA ALA B 164 27.17 4.09 3.95
C ALA B 164 28.17 5.19 3.58
N ALA B 165 29.32 4.79 3.03
CA ALA B 165 30.35 5.74 2.61
C ALA B 165 29.92 6.55 1.39
N HIS B 166 29.26 5.88 0.44
CA HIS B 166 28.82 6.51 -0.81
C HIS B 166 27.64 7.47 -0.57
N ILE B 167 26.65 7.00 0.18
CA ILE B 167 25.45 7.78 0.48
C ILE B 167 25.76 9.05 1.29
N LEU B 168 26.64 8.90 2.29
CA LEU B 168 27.07 10.02 3.13
C LEU B 168 27.81 11.08 2.33
N ALA B 169 28.68 10.64 1.41
CA ALA B 169 29.43 11.53 0.53
C ALA B 169 28.53 12.27 -0.45
N ALA B 170 27.48 11.57 -0.91
CA ALA B 170 26.50 12.15 -1.82
C ALA B 170 25.67 13.23 -1.13
N ALA B 171 25.40 13.05 0.16
CA ALA B 171 24.66 14.03 0.96
C ALA B 171 25.52 15.24 1.33
N LYS B 172 26.82 15.00 1.54
CA LYS B 172 27.76 16.08 1.86
C LYS B 172 27.97 17.05 0.69
N ALA B 173 27.77 16.56 -0.53
CA ALA B 173 27.83 17.39 -1.73
C ALA B 173 26.67 18.38 -1.79
N GLU B 174 25.52 17.97 -1.25
CA GLU B 174 24.33 18.81 -1.20
C GLU B 174 24.28 19.68 0.07
N GLY B 175 25.21 19.43 0.99
CA GLY B 175 25.35 20.23 2.21
C GLY B 175 24.57 19.69 3.41
N ARG B 176 24.60 18.37 3.56
CA ARG B 176 23.88 17.68 4.64
C ARG B 176 24.82 16.76 5.42
N ASP B 177 24.70 16.80 6.75
CA ASP B 177 25.53 16.01 7.65
C ASP B 177 24.89 14.68 8.06
N LYS B 178 23.56 14.63 8.03
CA LYS B 178 22.81 13.42 8.35
C LYS B 178 21.86 13.05 7.21
N VAL B 179 21.60 11.75 7.06
CA VAL B 179 20.79 11.25 5.94
C VAL B 179 19.44 10.67 6.35
N SER B 180 18.45 10.85 5.48
CA SER B 180 17.15 10.20 5.61
C SER B 180 17.01 9.13 4.53
N ILE B 181 16.77 7.89 4.96
CA ILE B 181 16.70 6.74 4.06
C ILE B 181 15.27 6.18 3.99
N LEU B 182 14.77 5.97 2.77
CA LEU B 182 13.50 5.29 2.57
C LEU B 182 13.73 3.88 2.03
N THR B 183 13.12 2.89 2.67
CA THR B 183 13.30 1.50 2.28
C THR B 183 11.97 0.72 2.20
N ILE B 184 12.06 -0.51 1.72
CA ILE B 184 10.91 -1.40 1.55
C ILE B 184 11.28 -2.81 2.01
N CYS B 185 10.28 -3.61 2.37
CA CYS B 185 10.45 -5.00 2.77
C CYS B 185 11.32 -5.14 4.03
N ASN B 186 11.97 -6.29 4.20
CA ASN B 186 12.93 -6.51 5.26
C ASN B 186 14.25 -7.03 4.67
N THR B 187 15.33 -6.32 4.97
CA THR B 187 16.66 -6.67 4.44
C THR B 187 17.72 -6.67 5.54
N GLY B 188 17.29 -6.88 6.78
CA GLY B 188 18.20 -6.86 7.93
C GLY B 188 18.75 -8.23 8.29
N ALA B 189 19.00 -8.43 9.59
CA ALA B 189 19.55 -9.69 10.10
C ALA B 189 18.58 -10.87 9.91
N LEU B 190 17.28 -10.56 9.87
CA LEU B 190 16.24 -11.56 9.66
C LEU B 190 16.25 -12.14 8.25
N ALA B 191 16.57 -11.30 7.28
CA ALA B 191 16.56 -11.68 5.86
C ALA B 191 17.90 -12.25 5.38
N THR B 192 18.91 -12.22 6.25
CA THR B 192 20.26 -12.65 5.89
C THR B 192 20.85 -13.51 7.00
N SER B 193 22.16 -13.74 6.92
CA SER B 193 22.89 -14.41 8.00
C SER B 193 23.14 -13.44 9.15
N ARG B 194 23.65 -12.26 8.81
CA ARG B 194 23.99 -11.24 9.80
C ARG B 194 24.00 -9.83 9.18
N TYR B 195 23.63 -8.84 10.00
CA TYR B 195 23.64 -7.40 9.64
C TYR B 195 22.61 -7.00 8.57
N GLY B 196 22.60 -7.70 7.44
CA GLY B 196 21.68 -7.40 6.35
C GLY B 196 22.33 -6.69 5.18
N THR B 197 21.52 -6.32 4.20
CA THR B 197 22.00 -5.63 3.00
C THR B 197 21.62 -4.14 3.03
N ALA B 198 20.41 -3.83 2.58
CA ALA B 198 19.93 -2.44 2.56
C ALA B 198 19.80 -1.87 3.98
N LEU B 199 19.30 -2.69 4.90
CA LEU B 199 19.23 -2.30 6.32
C LEU B 199 20.59 -2.37 6.99
N GLY B 200 21.51 -3.13 6.39
CA GLY B 200 22.91 -3.17 6.81
C GLY B 200 23.56 -1.82 6.64
N VAL B 201 23.32 -1.20 5.47
CA VAL B 201 23.76 0.15 5.17
C VAL B 201 23.20 1.14 6.18
N VAL B 202 21.90 1.00 6.48
CA VAL B 202 21.20 1.83 7.47
C VAL B 202 21.84 1.66 8.86
N ARG B 203 22.16 0.43 9.23
CA ARG B 203 22.85 0.13 10.48
C ARG B 203 24.19 0.85 10.59
N GLN B 204 24.99 0.78 9.53
CA GLN B 204 26.32 1.40 9.50
C GLN B 204 26.24 2.92 9.64
N LEU B 205 25.28 3.54 8.94
CA LEU B 205 25.02 4.97 9.06
C LEU B 205 24.60 5.35 10.48
N PHE B 206 23.82 4.49 11.11
CA PHE B 206 23.37 4.68 12.48
C PHE B 206 24.51 4.59 13.51
N TYR B 207 25.39 3.62 13.33
CA TYR B 207 26.54 3.43 14.22
C TYR B 207 27.53 4.59 14.15
N ASP B 208 27.68 5.16 12.95
CA ASP B 208 28.58 6.29 12.73
C ASP B 208 27.98 7.62 13.22
N GLY B 209 26.73 7.58 13.65
CA GLY B 209 26.00 8.77 14.10
C GLY B 209 25.63 9.68 12.94
N LYS B 210 25.36 9.06 11.79
CA LYS B 210 25.09 9.81 10.55
C LYS B 210 23.68 9.57 9.99
N LEU B 211 22.87 8.83 10.73
CA LEU B 211 21.49 8.55 10.30
C LEU B 211 20.48 9.41 11.07
N GLU B 212 19.73 10.22 10.33
CA GLU B 212 18.65 10.99 10.92
C GLU B 212 17.43 10.09 11.15
N ARG B 213 17.06 9.32 10.12
CA ARG B 213 15.87 8.49 10.16
C ARG B 213 15.81 7.50 9.01
N VAL B 214 15.35 6.29 9.30
CA VAL B 214 14.96 5.35 8.25
C VAL B 214 13.43 5.30 8.16
N TYR B 215 12.91 5.53 6.96
CA TYR B 215 11.49 5.40 6.70
C TYR B 215 11.20 4.02 6.11
N ALA B 216 10.30 3.29 6.75
CA ALA B 216 9.99 1.92 6.35
C ALA B 216 8.57 1.81 5.79
N CYS B 217 8.47 1.36 4.54
CA CYS B 217 7.17 1.04 3.94
C CYS B 217 6.61 -0.21 4.59
N GLU B 218 5.31 -0.20 4.87
CA GLU B 218 4.61 -1.34 5.48
C GLU B 218 4.89 -2.65 4.73
N THR B 219 4.82 -2.59 3.40
CA THR B 219 5.08 -3.71 2.49
C THR B 219 4.00 -4.80 2.53
N ARG B 220 2.79 -4.43 2.11
CA ARG B 220 1.69 -5.38 1.93
C ARG B 220 2.01 -6.41 0.84
N PRO B 221 1.40 -7.61 0.90
CA PRO B 221 0.43 -8.09 1.90
C PRO B 221 1.04 -8.81 3.11
N TRP B 222 2.32 -9.20 3.01
CA TRP B 222 2.97 -10.00 4.05
C TRP B 222 3.50 -9.15 5.21
N ASN B 223 3.63 -7.85 4.97
CA ASN B 223 4.06 -6.86 5.98
C ASN B 223 5.47 -7.04 6.53
N GLN B 224 6.42 -7.30 5.64
CA GLN B 224 7.84 -7.41 6.02
C GLN B 224 8.35 -6.13 6.67
N GLY B 225 7.87 -5.00 6.19
CA GLY B 225 8.27 -3.69 6.71
C GLY B 225 7.72 -3.40 8.09
N ALA B 226 6.40 -3.51 8.22
CA ALA B 226 5.71 -3.18 9.48
C ALA B 226 6.04 -4.13 10.62
N ARG B 227 6.25 -5.41 10.29
CA ARG B 227 6.42 -6.45 11.30
C ARG B 227 7.88 -6.76 11.60
N LEU B 228 8.73 -6.83 10.57
CA LEU B 228 10.11 -7.28 10.74
C LEU B 228 11.13 -6.15 10.79
N THR B 229 11.04 -5.20 9.85
CA THR B 229 11.97 -4.08 9.79
C THR B 229 11.81 -3.15 11.00
N VAL B 230 10.57 -2.83 11.35
CA VAL B 230 10.29 -2.02 12.54
C VAL B 230 10.84 -2.72 13.79
N TYR B 231 10.58 -4.03 13.90
CA TYR B 231 11.09 -4.85 15.00
C TYR B 231 12.61 -4.74 15.16
N GLU B 232 13.34 -4.87 14.05
CA GLU B 232 14.80 -4.78 14.06
C GLU B 232 15.29 -3.40 14.52
N CYS B 233 14.63 -2.34 14.04
CA CYS B 233 14.98 -0.97 14.42
C CYS B 233 14.69 -0.67 15.90
N VAL B 234 13.61 -1.26 16.42
CA VAL B 234 13.24 -1.10 17.83
C VAL B 234 14.26 -1.74 18.76
N GLN B 235 14.69 -2.96 18.42
CA GLN B 235 15.65 -3.71 19.22
C GLN B 235 17.02 -3.04 19.32
N GLU B 236 17.36 -2.21 18.32
CA GLU B 236 18.64 -1.52 18.29
C GLU B 236 18.53 0.00 18.46
N ASP B 237 17.33 0.48 18.78
CA ASP B 237 17.06 1.91 19.00
C ASP B 237 17.33 2.78 17.76
N ILE B 238 17.23 2.19 16.58
CA ILE B 238 17.42 2.91 15.33
C ILE B 238 16.18 3.77 15.04
N PRO B 239 16.36 5.10 14.94
CA PRO B 239 15.26 6.01 14.63
C PRO B 239 14.53 5.60 13.35
N CYS B 240 13.25 5.25 13.50
CA CYS B 240 12.48 4.66 12.41
C CYS B 240 11.08 5.26 12.33
N THR B 241 10.59 5.40 11.10
CA THR B 241 9.23 5.86 10.86
C THR B 241 8.52 4.93 9.88
N LEU B 242 7.42 4.34 10.34
CA LEU B 242 6.62 3.43 9.52
C LEU B 242 5.57 4.20 8.73
N ILE B 243 5.48 3.90 7.44
CA ILE B 243 4.48 4.51 6.57
C ILE B 243 3.73 3.44 5.78
N CYS B 244 2.55 3.77 5.30
CA CYS B 244 1.84 2.90 4.36
C CYS B 244 2.47 3.05 2.98
N ASP B 245 2.41 1.98 2.19
CA ASP B 245 3.05 1.93 0.87
C ASP B 245 2.64 3.09 -0.04
N GLY B 246 1.35 3.44 -0.01
CA GLY B 246 0.82 4.52 -0.85
C GLY B 246 1.26 5.92 -0.48
N ALA B 247 1.81 6.07 0.74
CA ALA B 247 2.23 7.38 1.24
C ALA B 247 3.65 7.78 0.81
N ALA B 248 4.33 6.87 0.12
CA ALA B 248 5.72 7.05 -0.29
C ALA B 248 5.96 8.29 -1.16
N SER B 249 5.04 8.54 -2.11
CA SER B 249 5.14 9.70 -3.00
C SER B 249 4.97 11.02 -2.24
N SER B 250 3.97 11.07 -1.37
CA SER B 250 3.72 12.24 -0.53
C SER B 250 4.89 12.52 0.40
N LEU B 251 5.50 11.46 0.93
CA LEU B 251 6.67 11.58 1.79
C LEU B 251 7.85 12.26 1.07
N LEU B 253 7.85 14.18 -1.59
CA LEU B 253 7.56 15.55 -1.96
C LEU B 253 7.66 16.50 -0.77
N ASN B 254 7.08 16.07 0.36
CA ASN B 254 6.98 16.92 1.54
C ASN B 254 8.23 16.95 2.41
N ARG B 255 9.02 15.87 2.39
CA ARG B 255 10.23 15.77 3.20
C ARG B 255 11.45 15.44 2.36
N LYS B 256 12.63 15.86 2.84
CA LYS B 256 13.88 15.56 2.15
C LYS B 256 14.33 14.13 2.43
N ILE B 257 14.33 13.32 1.37
CA ILE B 257 14.84 11.96 1.44
C ILE B 257 16.12 11.89 0.61
N ASP B 258 17.21 11.52 1.26
CA ASP B 258 18.53 11.50 0.63
C ASP B 258 18.69 10.36 -0.36
N ALA B 259 18.18 9.18 0.00
CA ALA B 259 18.28 7.99 -0.85
C ALA B 259 17.20 6.97 -0.56
N VAL B 260 16.76 6.27 -1.61
CA VAL B 260 15.98 5.05 -1.49
C VAL B 260 16.96 3.89 -1.57
N VAL B 261 17.06 3.12 -0.50
CA VAL B 261 17.95 1.95 -0.48
C VAL B 261 17.12 0.69 -0.32
N VAL B 262 17.10 -0.15 -1.36
CA VAL B 262 16.31 -1.36 -1.37
C VAL B 262 17.20 -2.61 -1.51
N GLY B 263 16.64 -3.77 -1.22
CA GLY B 263 17.33 -5.04 -1.42
C GLY B 263 17.08 -5.59 -2.81
N ALA B 264 17.39 -6.87 -3.00
CA ALA B 264 17.20 -7.55 -4.28
C ALA B 264 16.97 -9.04 -4.10
N ASP B 265 16.31 -9.64 -5.10
CA ASP B 265 16.11 -11.09 -5.15
C ASP B 265 16.83 -11.69 -6.34
N ARG B 266 16.80 -10.97 -7.45
CA ARG B 266 17.51 -11.35 -8.67
C ARG B 266 17.91 -10.11 -9.45
N ILE B 267 19.21 -9.96 -9.70
CA ILE B 267 19.72 -8.86 -10.52
C ILE B 267 20.26 -9.42 -11.84
N CYS B 268 19.57 -9.06 -12.93
CA CYS B 268 19.91 -9.53 -14.28
C CYS B 268 21.21 -8.93 -14.79
N GLN B 269 21.70 -9.47 -15.91
CA GLN B 269 22.94 -9.02 -16.55
C GLN B 269 22.95 -7.52 -16.86
N ASN B 270 21.83 -7.02 -17.38
CA ASN B 270 21.71 -5.59 -17.71
C ASN B 270 21.47 -4.70 -16.49
N GLY B 271 21.15 -5.31 -15.35
CA GLY B 271 20.93 -4.57 -14.11
C GLY B 271 19.50 -4.63 -13.59
N ASP B 272 18.57 -5.09 -14.44
CA ASP B 272 17.16 -5.22 -14.06
C ASP B 272 17.02 -6.01 -12.76
N THR B 273 16.30 -5.43 -11.80
CA THR B 273 16.24 -6.00 -10.46
C THR B 273 14.85 -6.49 -10.07
N ALA B 274 14.76 -7.79 -9.80
CA ALA B 274 13.57 -8.37 -9.20
C ALA B 274 13.65 -8.17 -7.69
N ASN B 275 12.63 -7.55 -7.13
CA ASN B 275 12.53 -7.30 -5.70
C ASN B 275 11.07 -7.28 -5.27
N LYS B 276 10.85 -7.27 -3.95
CA LYS B 276 9.49 -7.31 -3.39
CA LYS B 276 9.50 -7.28 -3.38
C LYS B 276 8.55 -6.32 -4.08
N ILE B 277 7.33 -6.80 -4.34
CA ILE B 277 6.28 -6.00 -4.95
C ILE B 277 6.17 -4.61 -4.28
N GLY B 278 6.11 -3.57 -5.11
CA GLY B 278 6.11 -2.20 -4.63
C GLY B 278 7.42 -1.46 -4.86
N THR B 279 8.50 -2.21 -5.08
CA THR B 279 9.82 -1.62 -5.32
C THR B 279 9.86 -0.84 -6.64
N TYR B 280 9.20 -1.37 -7.66
CA TYR B 280 9.08 -0.68 -8.95
C TYR B 280 8.29 0.62 -8.80
N ASN B 281 7.20 0.54 -8.04
CA ASN B 281 6.39 1.72 -7.72
C ASN B 281 7.21 2.80 -7.00
N LEU B 282 8.09 2.35 -6.11
CA LEU B 282 8.97 3.21 -5.35
C LEU B 282 10.01 3.87 -6.28
N ALA B 283 10.53 3.08 -7.22
CA ALA B 283 11.52 3.54 -8.19
C ALA B 283 10.97 4.59 -9.15
N VAL B 284 9.73 4.39 -9.59
CA VAL B 284 9.03 5.34 -10.46
C VAL B 284 8.88 6.69 -9.76
N SER B 285 8.46 6.65 -8.49
CA SER B 285 8.28 7.86 -7.69
C SER B 285 9.61 8.51 -7.33
N ALA B 286 10.63 7.68 -7.06
CA ALA B 286 11.97 8.17 -6.75
C ALA B 286 12.56 9.02 -7.88
N LYS B 287 12.36 8.57 -9.12
CA LYS B 287 12.81 9.32 -10.30
C LYS B 287 12.04 10.64 -10.45
N PHE B 288 10.73 10.59 -10.19
CA PHE B 288 9.87 11.78 -10.27
C PHE B 288 10.28 12.86 -9.27
N HIS B 289 10.72 12.44 -8.09
CA HIS B 289 11.06 13.35 -7.00
C HIS B 289 12.56 13.67 -6.91
N GLY B 290 13.34 13.10 -7.82
CA GLY B 290 14.78 13.33 -7.87
C GLY B 290 15.54 12.71 -6.70
N VAL B 291 15.06 11.56 -6.23
CA VAL B 291 15.72 10.83 -5.16
C VAL B 291 16.41 9.61 -5.74
N LYS B 292 17.74 9.56 -5.59
CA LYS B 292 18.55 8.47 -6.13
C LYS B 292 18.24 7.13 -5.46
N LEU B 293 18.13 6.08 -6.26
CA LEU B 293 17.78 4.76 -5.76
C LEU B 293 18.97 3.81 -5.80
N TYR B 294 19.21 3.14 -4.67
CA TYR B 294 20.29 2.18 -4.53
C TYR B 294 19.74 0.77 -4.32
N VAL B 295 20.36 -0.20 -4.98
CA VAL B 295 20.03 -1.61 -4.78
C VAL B 295 21.20 -2.30 -4.07
N ALA B 296 20.95 -2.77 -2.85
CA ALA B 296 21.97 -3.44 -2.05
C ALA B 296 21.75 -4.94 -2.00
N ALA B 297 22.76 -5.69 -2.43
CA ALA B 297 22.69 -7.16 -2.49
C ALA B 297 24.08 -7.76 -2.62
N PRO B 298 24.29 -8.98 -2.09
CA PRO B 298 25.55 -9.69 -2.32
C PRO B 298 25.62 -10.18 -3.76
N THR B 299 26.83 -10.51 -4.23
CA THR B 299 27.02 -10.96 -5.62
C THR B 299 26.35 -12.30 -5.92
N THR B 300 25.99 -13.01 -4.86
CA THR B 300 25.24 -14.27 -4.99
C THR B 300 23.77 -14.02 -5.36
N THR B 301 23.37 -12.75 -5.33
CA THR B 301 22.03 -12.32 -5.77
C THR B 301 22.09 -11.88 -7.24
N LEU B 302 23.30 -11.76 -7.78
CA LEU B 302 23.49 -11.41 -9.19
C LEU B 302 23.32 -12.63 -10.09
N ASP B 303 22.79 -12.41 -11.29
CA ASP B 303 22.43 -13.51 -12.19
C ASP B 303 22.85 -13.23 -13.64
N VAL B 304 23.97 -13.83 -14.04
CA VAL B 304 24.45 -13.71 -15.42
C VAL B 304 23.59 -14.49 -16.41
N LYS B 305 22.94 -15.55 -15.92
CA LYS B 305 22.16 -16.45 -16.76
C LYS B 305 20.81 -15.85 -17.21
N THR B 306 20.41 -14.74 -16.59
CA THR B 306 19.20 -14.02 -16.98
C THR B 306 19.59 -12.66 -17.56
N ALA B 307 19.18 -12.42 -18.81
CA ALA B 307 19.60 -11.23 -19.56
C ALA B 307 18.88 -9.95 -19.11
N SER B 308 17.56 -10.02 -18.97
CA SER B 308 16.75 -8.85 -18.61
C SER B 308 15.52 -9.22 -17.76
N GLY B 309 14.85 -8.20 -17.23
CA GLY B 309 13.74 -8.36 -16.29
C GLY B 309 12.55 -9.17 -16.78
N ASN B 310 12.29 -9.12 -18.08
CA ASN B 310 11.19 -9.86 -18.69
C ASN B 310 11.40 -11.38 -18.72
N HIS B 311 12.61 -11.82 -18.42
CA HIS B 311 12.95 -13.25 -18.38
C HIS B 311 12.95 -13.82 -16.96
N VAL B 312 12.55 -13.00 -15.99
CA VAL B 312 12.46 -13.40 -14.59
C VAL B 312 11.08 -13.98 -14.30
N GLU B 313 11.04 -15.16 -13.70
CA GLU B 313 9.78 -15.74 -13.24
C GLU B 313 9.36 -15.03 -11.94
N ILE B 314 8.20 -14.38 -11.99
CA ILE B 314 7.66 -13.67 -10.83
C ILE B 314 6.70 -14.58 -10.07
N GLU B 315 7.06 -14.88 -8.82
CA GLU B 315 6.21 -15.70 -7.95
C GLU B 315 4.90 -14.99 -7.63
N GLU B 316 3.80 -15.71 -7.79
CA GLU B 316 2.51 -15.29 -7.30
C GLU B 316 2.13 -16.21 -6.15
N ARG B 317 1.50 -15.66 -5.12
CA ARG B 317 1.16 -16.44 -3.93
C ARG B 317 -0.33 -16.47 -3.64
N GLU B 318 -0.73 -17.36 -2.73
CA GLU B 318 -2.13 -17.55 -2.32
C GLU B 318 -2.86 -16.22 -2.08
N PRO B 319 -4.07 -16.07 -2.66
CA PRO B 319 -4.85 -14.85 -2.50
C PRO B 319 -5.31 -14.56 -1.06
N THR B 320 -5.19 -15.56 -0.19
CA THR B 320 -5.54 -15.41 1.24
C THR B 320 -4.57 -14.49 1.99
N GLU B 321 -3.39 -14.25 1.42
CA GLU B 321 -2.44 -13.29 1.95
C GLU B 321 -3.04 -11.89 1.98
N ILE B 322 -3.93 -11.60 1.04
CA ILE B 322 -4.61 -10.31 0.94
C ILE B 322 -6.02 -10.36 1.54
N THR B 323 -6.74 -11.46 1.32
CA THR B 323 -8.16 -11.56 1.69
C THR B 323 -8.43 -11.99 3.14
N THR B 324 -7.43 -12.58 3.80
CA THR B 324 -7.59 -13.08 5.17
C THR B 324 -6.60 -12.47 6.14
N ASN B 325 -7.04 -12.33 7.39
CA ASN B 325 -6.20 -11.92 8.52
C ASN B 325 -5.14 -12.98 8.76
N LEU B 326 -3.88 -12.56 8.77
CA LEU B 326 -2.74 -13.48 8.73
C LEU B 326 -2.61 -14.41 9.94
N VAL B 327 -3.05 -15.65 9.69
CA VAL B 327 -3.34 -16.62 10.74
C VAL B 327 -4.23 -15.99 11.81
N THR B 328 -5.16 -16.81 12.30
CA THR B 328 -6.53 -16.35 12.57
C THR B 328 -7.33 -16.87 11.38
N LYS B 329 -6.78 -16.70 10.17
CA LYS B 329 -7.34 -17.25 8.93
C LYS B 329 -8.75 -16.76 8.62
N GLN B 330 -9.08 -15.59 9.15
CA GLN B 330 -10.41 -15.00 8.99
C GLN B 330 -10.42 -14.02 7.82
N ARG B 331 -11.45 -14.13 6.97
CA ARG B 331 -11.62 -13.24 5.82
C ARG B 331 -11.99 -11.82 6.24
N VAL B 332 -11.32 -10.84 5.63
CA VAL B 332 -11.61 -9.41 5.84
C VAL B 332 -12.08 -8.75 4.55
N VAL B 333 -12.19 -9.56 3.50
CA VAL B 333 -12.65 -9.11 2.19
C VAL B 333 -13.86 -9.96 1.78
N ALA B 334 -14.87 -9.32 1.19
CA ALA B 334 -16.05 -10.01 0.67
C ALA B 334 -15.66 -10.96 -0.47
N ASP B 335 -16.48 -11.99 -0.69
CA ASP B 335 -16.19 -12.97 -1.74
C ASP B 335 -17.34 -13.10 -2.74
N GLY B 336 -16.98 -13.29 -4.00
CA GLY B 336 -17.97 -13.44 -5.07
C GLY B 336 -17.36 -14.10 -6.31
N PRO B 337 -18.22 -14.59 -7.21
CA PRO B 337 -17.83 -15.30 -8.43
C PRO B 337 -17.06 -14.43 -9.43
N HIS B 338 -17.27 -13.12 -9.39
CA HIS B 338 -16.66 -12.20 -10.34
C HIS B 338 -15.61 -11.30 -9.69
N LEU B 339 -15.02 -11.82 -8.61
CA LEU B 339 -13.89 -11.17 -7.95
C LEU B 339 -12.64 -12.04 -8.11
N SER B 340 -11.53 -11.39 -8.44
CA SER B 340 -10.24 -12.06 -8.50
C SER B 340 -9.20 -11.25 -7.71
N ILE B 341 -8.16 -11.93 -7.26
CA ILE B 341 -7.10 -11.30 -6.50
C ILE B 341 -5.78 -11.45 -7.25
N TRP B 342 -5.13 -10.32 -7.52
CA TRP B 342 -3.82 -10.32 -8.15
C TRP B 342 -2.76 -10.17 -7.07
N ASN B 343 -2.03 -11.25 -6.82
CA ASN B 343 -1.01 -11.26 -5.76
C ASN B 343 0.40 -11.65 -6.23
N PRO B 344 1.01 -10.82 -7.09
CA PRO B 344 2.44 -11.05 -7.34
C PRO B 344 3.24 -10.50 -6.16
N VAL B 345 4.25 -11.25 -5.71
CA VAL B 345 5.01 -10.84 -4.53
C VAL B 345 6.36 -10.23 -4.90
N PHE B 346 6.58 -10.07 -6.21
CA PHE B 346 7.76 -9.38 -6.73
C PHE B 346 7.37 -8.52 -7.93
N ASP B 347 8.18 -7.51 -8.20
CA ASP B 347 8.12 -6.80 -9.47
C ASP B 347 9.53 -6.49 -9.99
N ILE B 348 9.61 -5.97 -11.20
CA ILE B 348 10.88 -5.63 -11.83
C ILE B 348 11.14 -4.13 -11.77
N THR B 349 12.30 -3.76 -11.24
CA THR B 349 12.81 -2.41 -11.34
C THR B 349 13.84 -2.38 -12.48
N PRO B 350 13.51 -1.71 -13.60
CA PRO B 350 14.42 -1.67 -14.73
C PRO B 350 15.68 -0.87 -14.39
N SER B 351 16.80 -1.25 -14.98
CA SER B 351 18.10 -0.64 -14.69
C SER B 351 18.12 0.89 -14.84
N GLU B 352 17.25 1.42 -15.69
CA GLU B 352 17.12 2.87 -15.90
C GLU B 352 16.77 3.61 -14.61
N LEU B 353 16.00 2.95 -13.74
CA LEU B 353 15.50 3.57 -12.51
C LEU B 353 16.42 3.36 -11.31
N ILE B 354 17.48 2.58 -11.49
CA ILE B 354 18.51 2.43 -10.46
C ILE B 354 19.55 3.54 -10.68
N THR B 355 19.20 4.73 -10.21
CA THR B 355 19.95 5.95 -10.49
C THR B 355 21.17 6.15 -9.59
N GLY B 356 21.10 5.61 -8.38
CA GLY B 356 22.21 5.71 -7.42
C GLY B 356 23.31 4.72 -7.75
N GLY B 357 22.95 3.44 -7.81
CA GLY B 357 23.88 2.38 -8.15
C GLY B 357 23.55 1.05 -7.51
N ILE B 358 24.36 0.04 -7.80
CA ILE B 358 24.19 -1.29 -7.23
C ILE B 358 25.29 -1.57 -6.21
N ILE B 359 24.89 -1.72 -4.95
CA ILE B 359 25.83 -1.91 -3.84
C ILE B 359 26.04 -3.40 -3.55
N THR B 360 27.26 -3.87 -3.80
CA THR B 360 27.64 -5.24 -3.49
C THR B 360 28.81 -5.22 -2.51
N GLU B 361 29.32 -6.40 -2.14
CA GLU B 361 30.51 -6.48 -1.31
C GLU B 361 31.75 -5.99 -2.07
N LYS B 362 31.65 -5.96 -3.40
CA LYS B 362 32.72 -5.46 -4.27
C LYS B 362 32.81 -3.94 -4.21
N GLY B 363 31.68 -3.29 -3.97
CA GLY B 363 31.61 -1.82 -3.91
C GLY B 363 30.33 -1.27 -4.53
N VAL B 364 30.26 0.07 -4.61
CA VAL B 364 29.12 0.74 -5.20
C VAL B 364 29.36 0.97 -6.69
N GLN B 365 28.63 0.23 -7.52
CA GLN B 365 28.73 0.35 -8.97
C GLN B 365 27.72 1.36 -9.48
N ALA B 366 28.23 2.51 -9.94
CA ALA B 366 27.41 3.56 -10.53
C ALA B 366 26.92 3.15 -11.92
N PRO B 367 25.72 3.63 -12.32
CA PRO B 367 25.21 3.34 -13.66
C PRO B 367 25.99 4.05 -14.76
N ALA B 368 26.00 3.44 -15.94
CA ALA B 368 26.64 4.06 -17.12
C ALA B 368 25.79 5.21 -17.66
N ALA B 369 26.32 5.92 -18.65
CA ALA B 369 25.63 7.07 -19.23
C ALA B 369 24.35 6.68 -19.98
N SER B 370 24.38 5.54 -20.68
CA SER B 370 23.25 5.04 -21.44
C SER B 370 23.31 3.52 -21.57
N ALA B 371 22.79 2.98 -22.68
CA ALA B 371 22.96 1.58 -23.07
C ALA B 371 22.50 0.62 -21.95
N PRO B 372 23.10 -0.59 -21.87
CA PRO B 372 22.99 -1.30 -20.60
C PRO B 372 23.73 -0.52 -19.51
N TYR B 373 23.01 -0.13 -18.47
CA TYR B 373 23.56 0.72 -17.42
C TYR B 373 24.50 -0.04 -16.50
N TYR B 374 24.40 -1.36 -16.51
CA TYR B 374 25.22 -2.21 -15.65
C TYR B 374 25.77 -3.44 -16.38
N ASP B 375 26.96 -3.86 -15.98
CA ASP B 375 27.57 -5.09 -16.45
C ASP B 375 27.77 -6.00 -15.23
N ILE B 376 26.80 -6.91 -15.04
CA ILE B 376 26.79 -7.78 -13.86
C ILE B 376 27.94 -8.79 -13.85
N ALA B 377 28.31 -9.28 -15.03
CA ALA B 377 29.44 -10.20 -15.19
C ALA B 377 30.77 -9.56 -14.73
N SER B 378 30.89 -8.26 -14.94
CA SER B 378 32.07 -7.50 -14.51
C SER B 378 32.14 -7.34 -13.00
N ILE B 379 30.99 -7.15 -12.36
CA ILE B 379 30.91 -7.00 -10.90
C ILE B 379 31.29 -8.30 -10.19
N ILE B 380 30.77 -9.42 -10.70
CA ILE B 380 31.04 -10.74 -10.14
C ILE B 380 32.53 -11.09 -10.19
N ALA B 381 33.18 -10.71 -11.29
CA ALA B 381 34.59 -11.03 -11.51
C ALA B 381 35.59 -10.13 -10.78
N GLN B 382 35.08 -9.09 -10.11
CA GLN B 382 35.91 -8.22 -9.26
C GLN B 382 36.43 -8.98 -8.04
N ALA B 383 37.49 -8.45 -7.43
CA ALA B 383 38.12 -9.09 -6.27
C ALA B 383 37.20 -9.14 -5.05
#